data_2FL2
#
_entry.id   2FL2
#
_cell.length_a   68.8
_cell.length_b   79.5
_cell.length_c   159.0
_cell.angle_alpha   90.0
_cell.angle_beta   90.0
_cell.angle_gamma   90.0
#
_symmetry.space_group_name_H-M   'P 21 21 21'
#
loop_
_entity.id
_entity.type
_entity.pdbx_description
1 polymer 'Kinesin-like protein KIF11'
2 non-polymer 'MAGNESIUM ION'
3 non-polymer "ADENOSINE-5'-DIPHOSPHATE"
4 non-polymer (1S)-1-CYCLOPROPYL-2-[(2S)-4-(2,5-DIFLUOROPHENYL)-2-PHENYL-2,5-DIHYDRO-1H-PYRROL-1-YL]-2-OXOETHANAMINE
5 water water
#
_entity_poly.entity_id   1
_entity_poly.type   'polypeptide(L)'
_entity_poly.pdbx_seq_one_letter_code
;ASQPNSSAKKKEEKGKNIQVVVRCRPFNLAERKASAHSIVECDPVRKEVSVRTGGLADKSSRKTYTFDMVFGASTKQIDV
YRSVVCPILDEVIMGYNCTIFAYGQTGTGKTFTMEGERSPNEEYTWEEDPLAGIIPRTLHQIFEKLTDNGTEFSVKVSLL
EIYNEELFDLLNPSSDVSERLQMFDDPRNKRGVIIKGLEEITVHNKDEVYQILEKGAAKRTTAATLMNAYSSRSHSVFSV
TIHMKETTIDGEELVKIGKLNLVDLAGSENIGRSGAVDKRAREAGNINQSLLTLGRVITALVERTPHVPYRESKLTRILQ
DSLGGRTRTSIIATISPASLNLEETLSTLEYAHRAKNILNKPEVNQK
;
_entity_poly.pdbx_strand_id   A,B
#
# COMPACT_ATOMS: atom_id res chain seq x y z
N ASN A 17 -5.20 -22.41 12.16
CA ASN A 17 -6.54 -22.12 12.70
C ASN A 17 -7.54 -21.65 11.58
N ILE A 18 -7.17 -20.65 10.79
CA ILE A 18 -8.06 -20.21 9.72
C ILE A 18 -8.16 -21.33 8.75
N GLN A 19 -9.40 -21.78 8.53
CA GLN A 19 -9.65 -22.88 7.62
C GLN A 19 -9.86 -22.31 6.21
N VAL A 20 -9.13 -22.88 5.24
CA VAL A 20 -9.21 -22.44 3.84
C VAL A 20 -9.56 -23.62 2.99
N VAL A 21 -10.55 -23.50 2.11
CA VAL A 21 -10.94 -24.61 1.23
C VAL A 21 -10.80 -24.17 -0.22
N VAL A 22 -10.63 -25.12 -1.13
CA VAL A 22 -10.49 -24.78 -2.55
C VAL A 22 -11.66 -25.33 -3.35
N ARG A 23 -12.17 -24.55 -4.29
CA ARG A 23 -13.27 -25.00 -5.11
C ARG A 23 -12.96 -24.73 -6.54
N CYS A 24 -12.94 -25.78 -7.35
CA CYS A 24 -12.64 -25.67 -8.77
C CYS A 24 -13.85 -25.68 -9.51
N ARG A 25 -14.05 -24.72 -10.39
CA ARG A 25 -15.28 -24.73 -11.15
C ARG A 25 -15.09 -25.63 -12.40
N PRO A 26 -16.20 -26.10 -12.99
CA PRO A 26 -16.17 -26.97 -14.17
C PRO A 26 -16.09 -26.18 -15.48
N PHE A 27 -15.48 -26.80 -16.49
CA PHE A 27 -15.35 -26.20 -17.81
C PHE A 27 -16.74 -25.71 -18.30
N ASN A 28 -16.76 -24.53 -18.92
CA ASN A 28 -18.00 -23.95 -19.42
C ASN A 28 -18.26 -24.47 -20.79
N LEU A 29 -19.44 -24.16 -21.35
CA LEU A 29 -19.81 -24.61 -22.68
C LEU A 29 -18.74 -24.29 -23.76
N ALA A 30 -18.25 -23.05 -23.76
CA ALA A 30 -17.23 -22.61 -24.72
C ALA A 30 -15.98 -23.50 -24.70
N GLU A 31 -15.58 -23.92 -23.50
CA GLU A 31 -14.41 -24.79 -23.32
C GLU A 31 -14.74 -26.28 -23.71
N ARG A 32 -16.00 -26.66 -23.55
CA ARG A 32 -16.45 -28.01 -23.88
C ARG A 32 -16.33 -28.26 -25.40
N LYS A 33 -16.96 -27.39 -26.20
CA LYS A 33 -16.92 -27.51 -27.66
C LYS A 33 -15.47 -27.40 -28.19
N ALA A 34 -14.62 -26.72 -27.44
CA ALA A 34 -13.21 -26.56 -27.80
C ALA A 34 -12.38 -27.76 -27.19
N SER A 35 -13.08 -28.68 -26.55
CA SER A 35 -12.50 -29.86 -25.91
C SER A 35 -11.23 -29.51 -25.15
N ALA A 36 -11.42 -28.96 -23.95
CA ALA A 36 -10.30 -28.53 -23.14
C ALA A 36 -9.80 -29.59 -22.18
N HIS A 37 -8.49 -29.58 -22.00
CA HIS A 37 -7.83 -30.50 -21.09
C HIS A 37 -7.63 -29.76 -19.75
N SER A 38 -8.08 -30.38 -18.67
CA SER A 38 -7.94 -29.77 -17.37
C SER A 38 -6.59 -29.92 -16.87
N ILE A 39 -6.03 -28.83 -16.34
CA ILE A 39 -4.70 -28.87 -15.78
C ILE A 39 -4.81 -28.97 -14.27
N VAL A 40 -6.03 -29.09 -13.77
CA VAL A 40 -6.30 -29.19 -12.34
C VAL A 40 -6.99 -30.55 -11.96
N GLU A 41 -6.52 -31.20 -10.90
CA GLU A 41 -7.11 -32.46 -10.44
C GLU A 41 -7.32 -32.45 -8.94
N CYS A 42 -8.54 -32.72 -8.52
CA CYS A 42 -8.85 -32.70 -7.10
C CYS A 42 -9.00 -34.04 -6.45
N ASP A 43 -8.56 -34.09 -5.20
CA ASP A 43 -8.59 -35.29 -4.38
C ASP A 43 -9.18 -34.96 -2.99
N PRO A 44 -10.51 -34.86 -2.90
CA PRO A 44 -11.25 -34.55 -1.68
C PRO A 44 -10.84 -35.38 -0.46
N VAL A 45 -10.80 -36.70 -0.62
CA VAL A 45 -10.44 -37.58 0.49
C VAL A 45 -9.04 -37.23 1.07
N ARG A 46 -8.12 -36.79 0.22
CA ARG A 46 -6.79 -36.44 0.68
C ARG A 46 -6.58 -34.92 0.82
N LYS A 47 -7.66 -34.15 0.74
CA LYS A 47 -7.60 -32.69 0.88
C LYS A 47 -6.54 -32.10 -0.03
N GLU A 48 -6.38 -32.62 -1.22
CA GLU A 48 -5.31 -32.16 -2.10
C GLU A 48 -5.70 -31.73 -3.49
N VAL A 49 -5.02 -30.71 -4.00
CA VAL A 49 -5.27 -30.25 -5.36
C VAL A 49 -3.91 -30.20 -6.05
N SER A 50 -3.89 -30.79 -7.23
CA SER A 50 -2.67 -30.88 -8.03
C SER A 50 -2.84 -30.12 -9.35
N VAL A 51 -1.83 -29.33 -9.71
CA VAL A 51 -1.85 -28.52 -10.93
C VAL A 51 -0.67 -28.86 -11.91
N ARG A 52 -1.03 -29.08 -13.17
CA ARG A 52 -0.07 -29.38 -14.23
C ARG A 52 0.61 -28.09 -14.59
N THR A 53 1.88 -27.97 -14.23
CA THR A 53 2.62 -26.74 -14.50
C THR A 53 3.46 -26.71 -15.74
N GLY A 54 3.86 -27.86 -16.25
CA GLY A 54 4.71 -27.86 -17.43
C GLY A 54 4.03 -28.17 -18.76
N GLY A 55 3.04 -29.04 -18.73
CA GLY A 55 2.36 -29.40 -19.97
C GLY A 55 2.63 -30.82 -20.41
N LEU A 56 1.60 -31.45 -20.98
CA LEU A 56 1.61 -32.83 -21.49
C LEU A 56 0.83 -33.73 -20.48
N ALA A 57 -0.14 -34.52 -20.95
CA ALA A 57 -0.91 -35.41 -20.09
C ALA A 57 -0.22 -36.79 -20.06
N ASP A 58 0.67 -36.99 -21.01
CA ASP A 58 1.47 -38.21 -21.17
C ASP A 58 2.74 -38.15 -20.26
N LYS A 59 3.17 -36.93 -19.93
CA LYS A 59 4.34 -36.71 -19.10
C LYS A 59 4.34 -35.28 -18.66
N SER A 60 4.57 -34.99 -17.39
CA SER A 60 4.57 -33.59 -16.99
C SER A 60 5.04 -33.33 -15.62
N SER A 61 5.15 -32.04 -15.33
CA SER A 61 5.58 -31.56 -14.02
C SER A 61 4.29 -31.09 -13.31
N ARG A 62 4.27 -31.16 -11.99
CA ARG A 62 3.08 -30.74 -11.25
C ARG A 62 3.35 -30.08 -9.91
N LYS A 63 2.41 -29.24 -9.50
CA LYS A 63 2.49 -28.55 -8.22
C LYS A 63 1.32 -29.09 -7.37
N THR A 64 1.61 -29.43 -6.11
CA THR A 64 0.60 -30.00 -5.22
C THR A 64 0.43 -29.23 -3.94
N TYR A 65 -0.83 -29.02 -3.53
CA TYR A 65 -1.17 -28.30 -2.30
C TYR A 65 -2.21 -29.08 -1.47
N THR A 66 -2.08 -28.97 -0.14
CA THR A 66 -3.02 -29.62 0.76
C THR A 66 -3.75 -28.52 1.54
N PHE A 67 -5.08 -28.56 1.57
CA PHE A 67 -5.84 -27.55 2.30
C PHE A 67 -6.75 -28.26 3.30
N ASP A 68 -7.58 -27.51 4.01
CA ASP A 68 -8.50 -28.13 4.97
C ASP A 68 -9.67 -28.93 4.20
N MET A 69 -10.00 -28.50 2.98
CA MET A 69 -11.04 -29.16 2.19
C MET A 69 -10.93 -28.77 0.75
N VAL A 70 -11.10 -29.74 -0.14
CA VAL A 70 -11.04 -29.48 -1.59
C VAL A 70 -12.29 -30.01 -2.29
N PHE A 71 -12.86 -29.17 -3.13
CA PHE A 71 -14.05 -29.50 -3.90
C PHE A 71 -13.76 -29.41 -5.41
N GLY A 72 -13.90 -30.53 -6.11
CA GLY A 72 -13.66 -30.53 -7.54
C GLY A 72 -14.82 -29.96 -8.33
N ALA A 73 -14.70 -29.98 -9.65
CA ALA A 73 -15.72 -29.46 -10.56
C ALA A 73 -17.16 -30.07 -10.41
N SER A 74 -17.25 -31.33 -9.99
CA SER A 74 -18.55 -31.98 -9.82
C SER A 74 -19.35 -31.51 -8.58
N THR A 75 -18.69 -30.76 -7.69
CA THR A 75 -19.32 -30.27 -6.46
C THR A 75 -20.49 -29.34 -6.72
N LYS A 76 -21.62 -29.63 -6.08
CA LYS A 76 -22.83 -28.82 -6.24
C LYS A 76 -22.93 -27.88 -5.10
N GLN A 77 -23.80 -26.88 -5.21
CA GLN A 77 -23.97 -25.91 -4.13
C GLN A 77 -24.30 -26.59 -2.79
N ILE A 78 -25.14 -27.61 -2.84
CA ILE A 78 -25.56 -28.32 -1.65
C ILE A 78 -24.38 -28.92 -0.90
N ASP A 79 -23.43 -29.52 -1.61
CA ASP A 79 -22.26 -30.11 -0.96
C ASP A 79 -21.48 -29.01 -0.19
N VAL A 80 -21.23 -27.88 -0.84
CA VAL A 80 -20.50 -26.79 -0.20
C VAL A 80 -21.23 -26.28 1.05
N TYR A 81 -22.55 -26.13 0.95
CA TYR A 81 -23.31 -25.64 2.11
C TYR A 81 -23.30 -26.64 3.26
N ARG A 82 -23.61 -27.90 2.99
CA ARG A 82 -23.61 -28.92 4.06
C ARG A 82 -22.20 -29.11 4.70
N SER A 83 -21.15 -28.96 3.89
CA SER A 83 -19.79 -29.13 4.41
C SER A 83 -19.20 -27.99 5.06
N VAL A 84 -19.09 -26.85 4.38
CA VAL A 84 -18.48 -25.69 5.02
C VAL A 84 -19.44 -24.77 5.79
N VAL A 85 -20.58 -24.41 5.21
CA VAL A 85 -21.51 -23.48 5.84
C VAL A 85 -22.35 -23.97 7.05
N CYS A 86 -22.87 -25.19 7.01
CA CYS A 86 -23.68 -25.65 8.13
C CYS A 86 -22.96 -25.60 9.50
N PRO A 87 -21.73 -26.17 9.61
CA PRO A 87 -21.07 -26.10 10.92
C PRO A 87 -20.76 -24.66 11.38
N ILE A 88 -20.48 -23.77 10.44
CA ILE A 88 -20.18 -22.38 10.77
C ILE A 88 -21.49 -21.64 11.22
N LEU A 89 -22.59 -21.94 10.54
CA LEU A 89 -23.87 -21.35 10.90
C LEU A 89 -24.23 -21.74 12.30
N ASP A 90 -24.01 -23.00 12.62
CA ASP A 90 -24.29 -23.49 13.95
C ASP A 90 -23.50 -22.67 14.98
N GLU A 91 -22.22 -22.40 14.71
CA GLU A 91 -21.42 -21.59 15.64
C GLU A 91 -21.99 -20.19 15.81
N VAL A 92 -22.48 -19.62 14.71
CA VAL A 92 -23.08 -18.30 14.73
C VAL A 92 -24.29 -18.26 15.63
N ILE A 93 -25.14 -19.28 15.48
CA ILE A 93 -26.34 -19.40 16.27
C ILE A 93 -26.03 -19.61 17.77
N MET A 94 -24.82 -20.06 18.08
CA MET A 94 -24.42 -20.23 19.48
C MET A 94 -23.99 -18.88 20.11
N GLY A 95 -23.89 -17.84 19.30
CA GLY A 95 -23.49 -16.53 19.80
C GLY A 95 -22.09 -16.10 19.40
N TYR A 96 -21.53 -16.77 18.40
CA TYR A 96 -20.20 -16.44 17.90
C TYR A 96 -20.26 -15.58 16.60
N ASN A 97 -19.11 -15.06 16.21
CA ASN A 97 -19.00 -14.27 14.98
C ASN A 97 -18.17 -15.10 14.06
N CYS A 98 -18.61 -15.16 12.82
CA CYS A 98 -17.90 -15.93 11.82
C CYS A 98 -17.87 -15.17 10.59
N THR A 99 -16.86 -15.43 9.76
CA THR A 99 -16.67 -14.77 8.47
C THR A 99 -16.22 -15.82 7.38
N ILE A 100 -16.72 -15.64 6.16
CA ILE A 100 -16.33 -16.51 5.06
C ILE A 100 -15.97 -15.69 3.83
N PHE A 101 -14.72 -15.81 3.39
CA PHE A 101 -14.20 -15.07 2.24
C PHE A 101 -14.19 -15.88 1.00
N ALA A 102 -14.51 -15.27 -0.13
CA ALA A 102 -14.40 -15.96 -1.43
C ALA A 102 -13.16 -15.24 -2.11
N TYR A 103 -12.08 -15.97 -2.40
CA TYR A 103 -10.87 -15.42 -3.00
C TYR A 103 -10.50 -16.11 -4.30
N GLY A 104 -10.08 -15.36 -5.32
CA GLY A 104 -9.73 -15.96 -6.60
C GLY A 104 -9.98 -15.08 -7.81
N GLN A 105 -9.34 -15.41 -8.93
CA GLN A 105 -9.46 -14.65 -10.18
C GLN A 105 -10.91 -14.49 -10.65
N THR A 106 -11.21 -13.42 -11.39
CA THR A 106 -12.55 -13.16 -11.88
C THR A 106 -12.93 -14.29 -12.82
N GLY A 107 -14.16 -14.76 -12.71
CA GLY A 107 -14.58 -15.85 -13.58
C GLY A 107 -14.38 -17.25 -13.04
N THR A 108 -13.94 -17.38 -11.79
CA THR A 108 -13.74 -18.71 -11.22
C THR A 108 -14.89 -19.19 -10.36
N GLY A 109 -15.81 -18.32 -9.96
CA GLY A 109 -16.94 -18.78 -9.18
C GLY A 109 -17.12 -18.20 -7.78
N LYS A 110 -16.47 -17.07 -7.49
CA LYS A 110 -16.58 -16.42 -6.19
C LYS A 110 -18.05 -16.02 -5.94
N THR A 111 -18.69 -15.38 -6.93
CA THR A 111 -20.08 -14.96 -6.80
C THR A 111 -21.06 -16.17 -6.83
N PHE A 112 -20.69 -17.20 -7.60
CA PHE A 112 -21.51 -18.39 -7.71
C PHE A 112 -21.49 -19.19 -6.40
N THR A 113 -20.39 -19.10 -5.67
CA THR A 113 -20.30 -19.80 -4.40
C THR A 113 -21.04 -19.04 -3.31
N MET A 114 -20.78 -17.74 -3.22
CA MET A 114 -21.41 -16.90 -2.20
C MET A 114 -22.85 -16.57 -2.43
N GLU A 115 -23.27 -16.30 -3.67
CA GLU A 115 -24.68 -15.96 -3.92
C GLU A 115 -25.44 -16.95 -4.69
N GLY A 116 -24.86 -17.49 -5.75
CA GLY A 116 -25.58 -18.47 -6.55
C GLY A 116 -26.33 -17.81 -7.69
N GLU A 117 -27.18 -18.58 -8.37
CA GLU A 117 -27.91 -18.05 -9.51
C GLU A 117 -29.25 -18.67 -9.56
N ARG A 118 -30.04 -18.33 -10.58
CA ARG A 118 -31.35 -18.92 -10.71
C ARG A 118 -31.29 -19.96 -11.86
N SER A 119 -32.10 -21.02 -11.73
CA SER A 119 -32.17 -22.02 -12.77
C SER A 119 -33.00 -21.44 -13.77
N PRO A 120 -32.64 -21.64 -15.05
CA PRO A 120 -33.39 -21.10 -16.19
C PRO A 120 -34.80 -21.43 -16.27
N ASN A 121 -35.53 -20.55 -16.95
CA ASN A 121 -36.95 -20.74 -17.21
C ASN A 121 -37.92 -20.90 -15.96
N GLU A 122 -37.58 -20.28 -14.83
CA GLU A 122 -38.40 -20.39 -13.63
C GLU A 122 -38.72 -21.86 -13.25
N GLU A 123 -37.73 -22.73 -13.38
CA GLU A 123 -37.94 -24.12 -13.03
C GLU A 123 -38.16 -24.32 -11.52
N TYR A 124 -37.53 -23.52 -10.67
CA TYR A 124 -37.72 -23.67 -9.22
C TYR A 124 -38.08 -22.37 -8.52
N THR A 125 -38.42 -22.50 -7.25
CA THR A 125 -38.73 -21.34 -6.43
C THR A 125 -37.40 -21.05 -5.77
N TRP A 126 -37.10 -19.81 -5.43
CA TRP A 126 -35.81 -19.46 -4.82
C TRP A 126 -35.37 -20.37 -3.62
N GLU A 127 -36.32 -20.95 -2.92
CA GLU A 127 -36.02 -21.82 -1.77
C GLU A 127 -35.52 -23.20 -2.17
N GLU A 128 -35.85 -23.61 -3.38
CA GLU A 128 -35.47 -24.92 -3.86
C GLU A 128 -34.54 -24.94 -5.06
N ASP A 129 -34.08 -23.78 -5.48
CA ASP A 129 -33.19 -23.74 -6.62
C ASP A 129 -31.89 -24.32 -6.23
N PRO A 130 -31.51 -25.42 -6.88
CA PRO A 130 -30.25 -26.10 -6.59
C PRO A 130 -28.99 -25.20 -6.91
N LEU A 131 -29.18 -24.13 -7.69
CA LEU A 131 -28.11 -23.22 -8.02
C LEU A 131 -27.91 -22.12 -6.94
N ALA A 132 -28.81 -22.04 -5.96
CA ALA A 132 -28.67 -21.04 -4.90
C ALA A 132 -27.29 -21.21 -4.19
N GLY A 133 -26.71 -20.09 -3.73
CA GLY A 133 -25.43 -20.15 -3.05
C GLY A 133 -25.52 -19.99 -1.53
N ILE A 134 -24.39 -19.66 -0.91
CA ILE A 134 -24.33 -19.50 0.53
C ILE A 134 -25.25 -18.53 1.14
N ILE A 135 -25.27 -17.28 0.65
CA ILE A 135 -26.15 -16.30 1.22
C ILE A 135 -27.76 -16.74 1.23
N PRO A 136 -28.36 -17.03 0.06
CA PRO A 136 -29.78 -17.43 0.15
C PRO A 136 -30.05 -18.62 1.04
N ARG A 137 -29.25 -19.68 0.92
CA ARG A 137 -29.44 -20.87 1.74
C ARG A 137 -29.38 -20.54 3.21
N THR A 138 -28.36 -19.79 3.61
CA THR A 138 -28.21 -19.42 5.01
C THR A 138 -29.41 -18.66 5.59
N LEU A 139 -29.88 -17.62 4.91
CA LEU A 139 -31.04 -16.88 5.41
C LEU A 139 -32.27 -17.79 5.52
N HIS A 140 -32.38 -18.76 4.62
CA HIS A 140 -33.51 -19.71 4.62
C HIS A 140 -33.36 -20.68 5.83
N GLN A 141 -32.14 -21.13 6.07
CA GLN A 141 -31.88 -22.05 7.18
C GLN A 141 -31.93 -21.44 8.53
N ILE A 142 -31.72 -20.12 8.64
CA ILE A 142 -31.78 -19.46 9.94
C ILE A 142 -33.20 -19.49 10.46
N PHE A 143 -34.13 -19.26 9.55
CA PHE A 143 -35.55 -19.29 9.88
C PHE A 143 -35.98 -20.70 10.08
N GLU A 144 -35.38 -21.61 9.31
CA GLU A 144 -35.71 -23.03 9.40
C GLU A 144 -35.29 -23.62 10.69
N LYS A 145 -34.12 -23.23 11.17
CA LYS A 145 -33.58 -23.74 12.41
C LYS A 145 -34.19 -23.09 13.68
N LEU A 146 -34.28 -21.76 13.68
CA LEU A 146 -34.80 -21.05 14.85
C LEU A 146 -36.32 -21.07 15.01
N THR A 147 -37.06 -21.23 13.92
CA THR A 147 -38.53 -21.28 14.01
C THR A 147 -39.00 -22.57 14.65
N ASP A 148 -38.38 -23.68 14.27
CA ASP A 148 -38.73 -25.00 14.81
C ASP A 148 -38.58 -25.05 16.34
N ASN A 149 -37.35 -24.87 16.83
CA ASN A 149 -37.07 -24.89 18.25
C ASN A 149 -37.73 -23.69 18.91
N GLY A 150 -37.87 -23.73 20.23
CA GLY A 150 -38.47 -22.61 20.94
C GLY A 150 -37.46 -21.49 21.10
N THR A 151 -37.38 -20.61 20.12
CA THR A 151 -36.44 -19.51 20.17
C THR A 151 -37.04 -18.24 19.62
N GLU A 152 -36.79 -17.14 20.32
CA GLU A 152 -37.26 -15.83 19.90
C GLU A 152 -36.04 -15.22 19.21
N PHE A 153 -36.21 -14.58 18.07
CA PHE A 153 -35.07 -13.98 17.37
C PHE A 153 -35.46 -12.97 16.34
N SER A 154 -34.50 -12.11 16.01
CA SER A 154 -34.69 -11.10 14.98
C SER A 154 -33.49 -11.17 14.06
N VAL A 155 -33.75 -11.06 12.76
CA VAL A 155 -32.66 -11.13 11.80
C VAL A 155 -32.49 -9.81 11.11
N LYS A 156 -31.26 -9.30 11.10
CA LYS A 156 -30.91 -8.03 10.44
C LYS A 156 -29.83 -8.32 9.38
N VAL A 157 -29.96 -7.76 8.18
CA VAL A 157 -28.93 -7.96 7.16
C VAL A 157 -28.41 -6.66 6.78
N SER A 158 -27.30 -6.68 6.06
CA SER A 158 -26.64 -5.47 5.62
C SER A 158 -25.68 -5.80 4.46
N LEU A 159 -25.59 -4.89 3.50
CA LEU A 159 -24.72 -5.09 2.34
C LEU A 159 -23.85 -3.93 2.10
N LEU A 160 -22.60 -4.09 2.55
CA LEU A 160 -21.63 -3.04 2.41
C LEU A 160 -20.66 -3.38 1.26
N GLU A 161 -20.44 -2.44 0.34
CA GLU A 161 -19.50 -2.71 -0.74
C GLU A 161 -18.47 -1.66 -0.83
N ILE A 162 -17.24 -2.08 -1.15
CA ILE A 162 -16.09 -1.17 -1.25
C ILE A 162 -15.54 -1.09 -2.70
N TYR A 163 -15.45 0.14 -3.20
CA TYR A 163 -14.94 0.33 -4.52
C TYR A 163 -14.11 1.52 -4.51
N ASN A 164 -12.85 1.33 -4.88
CA ASN A 164 -11.87 2.40 -4.92
C ASN A 164 -11.82 3.13 -3.59
N GLU A 165 -11.76 2.34 -2.52
CA GLU A 165 -11.73 2.82 -1.14
C GLU A 165 -12.87 3.70 -0.70
N GLU A 166 -14.03 3.51 -1.34
CA GLU A 166 -15.22 4.26 -0.98
C GLU A 166 -16.25 3.24 -0.55
N LEU A 167 -17.12 3.58 0.40
CA LEU A 167 -18.13 2.64 0.88
C LEU A 167 -19.47 2.95 0.30
N PHE A 168 -20.21 1.88 -0.01
CA PHE A 168 -21.54 2.01 -0.58
C PHE A 168 -22.52 1.08 0.14
N ASP A 169 -23.76 1.52 0.30
CA ASP A 169 -24.80 0.70 0.94
C ASP A 169 -25.67 0.22 -0.21
N LEU A 170 -25.66 -1.08 -0.50
CA LEU A 170 -26.48 -1.59 -1.61
C LEU A 170 -27.89 -2.00 -1.24
N LEU A 171 -28.32 -1.84 0.00
CA LEU A 171 -29.69 -2.21 0.40
C LEU A 171 -30.63 -0.98 0.72
N ASN A 172 -30.07 0.16 1.11
CA ASN A 172 -30.87 1.36 1.41
C ASN A 172 -31.66 1.71 0.11
N PRO A 173 -33.00 1.66 0.16
CA PRO A 173 -33.82 1.98 -1.01
C PRO A 173 -34.23 3.47 -1.13
N SER A 174 -33.49 4.36 -0.48
CA SER A 174 -33.78 5.78 -0.51
C SER A 174 -32.60 6.61 -0.86
N SER A 175 -31.55 5.95 -1.32
CA SER A 175 -30.32 6.61 -1.70
C SER A 175 -29.78 5.94 -2.92
N ASP A 176 -29.16 6.70 -3.81
CA ASP A 176 -28.58 6.09 -5.00
C ASP A 176 -27.10 5.72 -4.67
N VAL A 177 -26.49 4.92 -5.56
CA VAL A 177 -25.11 4.47 -5.40
C VAL A 177 -24.02 5.56 -5.58
N SER A 178 -24.43 6.81 -5.74
CA SER A 178 -23.51 7.93 -5.89
C SER A 178 -23.20 8.50 -4.55
N GLU A 179 -23.90 8.01 -3.53
CA GLU A 179 -23.73 8.47 -2.15
C GLU A 179 -22.93 7.50 -1.35
N ARG A 180 -21.68 7.86 -1.08
CA ARG A 180 -20.79 6.99 -0.30
C ARG A 180 -20.98 7.20 1.16
N LEU A 181 -20.59 6.21 1.97
CA LEU A 181 -20.75 6.29 3.42
C LEU A 181 -19.42 6.67 4.06
N GLN A 182 -19.48 7.24 5.26
CA GLN A 182 -18.28 7.65 5.99
C GLN A 182 -17.90 6.62 7.04
N MET A 183 -16.61 6.42 7.23
CA MET A 183 -16.13 5.47 8.22
C MET A 183 -15.20 6.14 9.34
N PHE A 184 -15.52 5.84 10.60
CA PHE A 184 -14.78 6.38 11.74
C PHE A 184 -14.43 5.24 12.68
N ASP A 185 -13.48 5.47 13.58
CA ASP A 185 -13.10 4.44 14.54
C ASP A 185 -14.14 4.45 15.63
N ASP A 186 -14.38 3.30 16.27
CA ASP A 186 -15.39 3.26 17.33
C ASP A 186 -14.72 3.47 18.63
N PRO A 187 -15.00 4.63 19.27
CA PRO A 187 -14.41 5.00 20.57
C PRO A 187 -14.73 4.01 21.70
N ARG A 188 -15.80 3.22 21.54
CA ARG A 188 -16.15 2.24 22.54
C ARG A 188 -15.21 1.06 22.40
N ASN A 189 -15.63 0.02 21.68
CA ASN A 189 -14.78 -1.16 21.50
C ASN A 189 -13.60 -0.91 20.46
N LYS A 190 -12.39 -1.27 20.89
CA LYS A 190 -11.16 -1.10 20.09
C LYS A 190 -11.18 -1.92 18.84
N ARG A 191 -10.27 -1.59 17.92
CA ARG A 191 -10.16 -2.27 16.63
C ARG A 191 -11.55 -2.59 15.97
N GLY A 192 -12.42 -1.58 15.98
CA GLY A 192 -13.75 -1.70 15.41
C GLY A 192 -14.08 -0.37 14.77
N VAL A 193 -15.06 -0.36 13.86
CA VAL A 193 -15.41 0.87 13.20
C VAL A 193 -16.85 1.10 13.15
N ILE A 194 -17.23 2.32 12.77
CA ILE A 194 -18.62 2.73 12.68
C ILE A 194 -18.91 3.28 11.33
N ILE A 195 -19.87 2.70 10.64
CA ILE A 195 -20.21 3.21 9.32
C ILE A 195 -21.46 4.03 9.42
N LYS A 196 -21.27 5.34 9.34
CA LYS A 196 -22.36 6.29 9.43
C LYS A 196 -23.38 6.07 8.32
N GLY A 197 -24.66 5.93 8.71
CA GLY A 197 -25.68 5.73 7.71
C GLY A 197 -25.83 4.36 7.07
N LEU A 198 -25.05 3.37 7.51
CA LEU A 198 -25.19 2.03 6.94
C LEU A 198 -26.62 1.49 7.39
N GLU A 199 -27.42 1.01 6.44
CA GLU A 199 -28.75 0.48 6.74
C GLU A 199 -28.74 -0.97 7.12
N GLU A 200 -29.63 -1.30 8.06
CA GLU A 200 -29.79 -2.66 8.52
C GLU A 200 -31.25 -3.00 8.30
N ILE A 201 -31.48 -3.92 7.36
CA ILE A 201 -32.84 -4.32 7.04
C ILE A 201 -33.24 -5.45 7.84
N THR A 202 -34.35 -5.32 8.57
CA THR A 202 -34.85 -6.42 9.38
C THR A 202 -35.64 -7.39 8.52
N VAL A 203 -35.28 -8.67 8.57
CA VAL A 203 -35.96 -9.71 7.80
C VAL A 203 -36.95 -10.45 8.72
N HIS A 204 -38.20 -10.00 8.73
CA HIS A 204 -39.22 -10.57 9.59
C HIS A 204 -39.51 -12.07 9.39
N ASN A 205 -39.30 -12.59 8.19
CA ASN A 205 -39.54 -14.01 7.95
C ASN A 205 -38.93 -14.49 6.65
N LYS A 206 -38.79 -15.81 6.54
CA LYS A 206 -38.23 -16.44 5.35
C LYS A 206 -38.79 -15.86 4.01
N ASP A 207 -40.11 -15.65 3.93
CA ASP A 207 -40.74 -15.12 2.72
C ASP A 207 -40.50 -13.63 2.48
N GLU A 208 -39.46 -13.11 3.12
CA GLU A 208 -39.11 -11.70 2.99
C GLU A 208 -37.65 -11.58 2.49
N VAL A 209 -36.98 -12.74 2.41
CA VAL A 209 -35.59 -12.83 1.99
C VAL A 209 -35.36 -12.51 0.60
N TYR A 210 -36.02 -13.23 -0.31
CA TYR A 210 -35.81 -13.01 -1.73
C TYR A 210 -35.86 -11.59 -2.22
N GLN A 211 -36.89 -10.83 -1.88
CA GLN A 211 -36.97 -9.45 -2.36
C GLN A 211 -35.83 -8.57 -1.87
N ILE A 212 -35.43 -8.74 -0.61
CA ILE A 212 -34.34 -7.94 -0.08
C ILE A 212 -33.09 -8.21 -0.99
N LEU A 213 -32.85 -9.48 -1.33
CA LEU A 213 -31.75 -9.86 -2.21
C LEU A 213 -31.97 -9.27 -3.62
N GLU A 214 -33.21 -9.26 -4.10
CA GLU A 214 -33.52 -8.71 -5.43
C GLU A 214 -33.20 -7.18 -5.45
N LYS A 215 -33.62 -6.47 -4.41
CA LYS A 215 -33.40 -5.03 -4.28
C LYS A 215 -31.84 -4.79 -4.44
N GLY A 216 -31.04 -5.51 -3.66
CA GLY A 216 -29.59 -5.37 -3.72
C GLY A 216 -29.04 -5.64 -5.11
N ALA A 217 -29.63 -6.60 -5.83
CA ALA A 217 -29.17 -6.92 -7.19
C ALA A 217 -29.47 -5.76 -8.16
N ALA A 218 -30.67 -5.17 -8.04
CA ALA A 218 -31.03 -4.04 -8.90
C ALA A 218 -30.15 -2.85 -8.63
N LYS A 219 -30.03 -2.45 -7.38
CA LYS A 219 -29.22 -1.29 -7.02
C LYS A 219 -27.70 -1.48 -7.49
N ARG A 220 -27.29 -2.74 -7.47
CA ARG A 220 -25.94 -3.15 -7.85
C ARG A 220 -25.71 -3.00 -9.30
N THR A 221 -26.80 -3.07 -10.07
CA THR A 221 -26.75 -2.89 -11.51
C THR A 221 -26.50 -1.36 -11.87
N THR A 222 -27.05 -0.48 -11.04
CA THR A 222 -26.87 0.95 -11.23
C THR A 222 -25.47 1.25 -10.85
N ALA A 223 -24.94 0.49 -9.89
CA ALA A 223 -23.57 0.64 -9.44
C ALA A 223 -22.60 0.32 -10.61
N ALA A 224 -22.89 -0.76 -11.31
CA ALA A 224 -22.07 -1.20 -12.44
C ALA A 224 -22.02 -0.24 -13.59
N THR A 225 -23.12 0.48 -13.87
CA THR A 225 -23.09 1.43 -14.99
C THR A 225 -22.32 2.75 -14.60
N LEU A 226 -22.33 3.03 -13.30
CA LEU A 226 -21.69 4.20 -12.75
C LEU A 226 -20.14 4.00 -12.44
N MET A 227 -19.71 2.76 -12.24
CA MET A 227 -18.30 2.47 -11.95
C MET A 227 -17.80 1.38 -12.85
N ASN A 228 -16.59 1.58 -13.34
CA ASN A 228 -15.95 0.66 -14.29
C ASN A 228 -15.62 -0.61 -13.67
N ALA A 229 -15.91 -1.70 -14.36
CA ALA A 229 -15.62 -3.04 -13.86
C ALA A 229 -16.10 -3.25 -12.43
N TYR A 230 -17.19 -2.59 -12.05
CA TYR A 230 -17.69 -2.69 -10.69
C TYR A 230 -17.72 -4.08 -10.07
N SER A 231 -18.37 -5.04 -10.73
CA SER A 231 -18.44 -6.41 -10.21
C SER A 231 -17.00 -7.13 -10.09
N SER A 232 -16.03 -6.65 -10.86
CA SER A 232 -14.69 -7.23 -10.79
C SER A 232 -13.80 -6.60 -9.76
N ARG A 233 -13.96 -5.29 -9.60
CA ARG A 233 -13.10 -4.52 -8.69
C ARG A 233 -13.61 -4.23 -7.31
N SER A 234 -14.87 -4.55 -7.01
CA SER A 234 -15.43 -4.26 -5.70
C SER A 234 -15.46 -5.40 -4.75
N HIS A 235 -15.50 -5.07 -3.46
CA HIS A 235 -15.58 -6.08 -2.41
C HIS A 235 -16.99 -5.96 -1.79
N SER A 236 -17.67 -7.08 -1.58
CA SER A 236 -19.00 -6.99 -0.99
C SER A 236 -19.03 -7.71 0.23
N VAL A 237 -19.70 -7.13 1.21
CA VAL A 237 -19.81 -7.74 2.52
C VAL A 237 -21.24 -7.84 2.90
N PHE A 238 -21.76 -9.06 2.86
CA PHE A 238 -23.13 -9.28 3.22
C PHE A 238 -23.17 -9.80 4.62
N SER A 239 -23.71 -9.00 5.54
CA SER A 239 -23.78 -9.38 6.95
C SER A 239 -25.22 -9.71 7.48
N VAL A 240 -25.28 -10.77 8.28
CA VAL A 240 -26.51 -11.23 8.91
C VAL A 240 -26.31 -11.39 10.44
N THR A 241 -26.99 -10.53 11.19
CA THR A 241 -26.91 -10.54 12.65
C THR A 241 -28.16 -11.20 13.24
N ILE A 242 -27.94 -12.09 14.19
CA ILE A 242 -29.05 -12.79 14.81
C ILE A 242 -29.19 -12.58 16.30
N HIS A 243 -30.21 -11.84 16.71
CA HIS A 243 -30.47 -11.63 18.14
C HIS A 243 -31.38 -12.75 18.55
N MET A 244 -30.92 -13.53 19.51
CA MET A 244 -31.69 -14.67 19.99
C MET A 244 -31.94 -14.67 21.51
N LYS A 245 -33.15 -15.11 21.86
CA LYS A 245 -33.57 -15.23 23.25
C LYS A 245 -34.21 -16.59 23.32
N GLU A 246 -33.39 -17.59 23.57
CA GLU A 246 -33.81 -18.98 23.66
C GLU A 246 -34.39 -19.31 24.97
N THR A 247 -35.35 -20.22 24.96
CA THR A 247 -36.01 -20.67 26.17
C THR A 247 -36.09 -22.19 26.09
N THR A 248 -35.17 -22.87 26.78
CA THR A 248 -35.14 -24.33 26.76
C THR A 248 -36.43 -24.90 27.26
N ILE A 249 -36.63 -26.20 27.03
CA ILE A 249 -37.86 -26.88 27.48
C ILE A 249 -38.04 -26.81 29.07
N ASP A 250 -37.02 -26.28 29.75
CA ASP A 250 -36.98 -26.13 31.20
C ASP A 250 -37.50 -24.77 31.64
N GLY A 251 -36.92 -23.74 31.06
CA GLY A 251 -37.32 -22.38 31.38
C GLY A 251 -36.12 -21.45 31.46
N GLU A 252 -34.99 -21.91 30.93
CA GLU A 252 -33.75 -21.13 30.95
C GLU A 252 -33.82 -20.21 29.80
N GLU A 253 -33.39 -18.98 29.98
CA GLU A 253 -33.43 -18.03 28.88
C GLU A 253 -31.96 -17.70 28.43
N LEU A 254 -31.67 -17.95 27.16
CA LEU A 254 -30.35 -17.72 26.62
C LEU A 254 -30.35 -16.61 25.61
N VAL A 255 -29.73 -15.49 25.93
CA VAL A 255 -29.67 -14.35 25.02
C VAL A 255 -28.31 -14.27 24.26
N LYS A 256 -28.30 -14.86 23.06
CA LYS A 256 -27.11 -14.92 22.22
C LYS A 256 -27.21 -14.00 21.07
N ILE A 257 -26.06 -13.54 20.60
CA ILE A 257 -26.02 -12.64 19.46
C ILE A 257 -24.98 -13.11 18.55
N GLY A 258 -25.38 -13.54 17.36
CA GLY A 258 -24.40 -14.02 16.41
C GLY A 258 -24.34 -13.18 15.15
N LYS A 259 -23.14 -13.07 14.58
CA LYS A 259 -22.99 -12.32 13.35
C LYS A 259 -22.16 -13.10 12.38
N LEU A 260 -22.68 -13.25 11.16
CA LEU A 260 -21.99 -13.97 10.08
C LEU A 260 -21.72 -13.00 8.83
N ASN A 261 -20.45 -12.78 8.51
CA ASN A 261 -20.06 -11.93 7.37
C ASN A 261 -19.71 -12.80 6.13
N LEU A 262 -20.37 -12.51 5.02
CA LEU A 262 -20.14 -13.23 3.78
C LEU A 262 -19.51 -12.31 2.84
N VAL A 263 -18.21 -12.48 2.66
CA VAL A 263 -17.45 -11.57 1.79
C VAL A 263 -17.02 -12.06 0.42
N ASP A 264 -17.53 -11.37 -0.60
CA ASP A 264 -17.20 -11.68 -1.99
C ASP A 264 -16.01 -10.71 -2.52
N LEU A 265 -14.78 -11.08 -2.21
CA LEU A 265 -13.57 -10.33 -2.58
C LEU A 265 -13.41 -9.98 -4.08
N ALA A 266 -12.67 -8.89 -4.32
CA ALA A 266 -12.41 -8.41 -5.68
C ALA A 266 -11.64 -9.40 -6.34
N GLY A 267 -11.68 -9.39 -7.67
CA GLY A 267 -10.90 -10.37 -8.42
C GLY A 267 -9.42 -10.24 -8.12
N SER A 268 -8.79 -11.36 -7.79
CA SER A 268 -7.37 -11.40 -7.46
C SER A 268 -6.42 -11.32 -8.60
N GLU A 269 -6.90 -11.10 -9.81
CA GLU A 269 -6.00 -11.07 -10.97
C GLU A 269 -5.32 -9.71 -11.15
N ASN A 270 -4.08 -9.73 -11.62
CA ASN A 270 -3.31 -8.52 -11.86
C ASN A 270 -2.79 -8.50 -13.26
N ASN A 286 -6.52 0.02 -12.29
CA ASN A 286 -5.56 0.70 -11.43
C ASN A 286 -5.27 -0.22 -10.20
N ILE A 287 -5.14 0.38 -9.02
CA ILE A 287 -4.84 -0.40 -7.83
C ILE A 287 -5.98 -0.58 -6.97
N ASN A 288 -6.00 -1.76 -6.35
CA ASN A 288 -7.05 -2.04 -5.41
C ASN A 288 -6.34 -2.08 -4.06
N GLN A 289 -6.48 -0.99 -3.31
CA GLN A 289 -5.83 -0.84 -2.01
C GLN A 289 -6.28 -1.90 -0.98
N SER A 290 -7.57 -2.20 -0.95
CA SER A 290 -8.10 -3.20 -0.02
C SER A 290 -7.60 -4.57 -0.26
N LEU A 291 -7.50 -4.95 -1.52
CA LEU A 291 -7.01 -6.27 -1.91
C LEU A 291 -5.50 -6.34 -1.63
N LEU A 292 -4.85 -5.22 -1.91
CA LEU A 292 -3.42 -5.07 -1.71
C LEU A 292 -3.07 -5.20 -0.27
N THR A 293 -3.84 -4.50 0.56
CA THR A 293 -3.65 -4.51 2.00
C THR A 293 -3.99 -5.88 2.60
N LEU A 294 -5.00 -6.56 2.08
CA LEU A 294 -5.38 -7.89 2.59
C LEU A 294 -4.21 -8.86 2.43
N GLY A 295 -3.54 -8.79 1.28
CA GLY A 295 -2.40 -9.66 1.07
C GLY A 295 -1.26 -9.37 2.03
N ARG A 296 -1.09 -8.10 2.38
CA ARG A 296 -0.03 -7.68 3.30
C ARG A 296 -0.38 -7.97 4.75
N VAL A 297 -1.67 -7.90 5.10
CA VAL A 297 -2.12 -8.20 6.46
C VAL A 297 -1.92 -9.69 6.73
N ILE A 298 -2.25 -10.51 5.74
CA ILE A 298 -2.11 -11.95 5.89
C ILE A 298 -0.66 -12.28 6.06
N THR A 299 0.19 -11.66 5.26
CA THR A 299 1.64 -11.85 5.31
C THR A 299 2.23 -11.58 6.69
N ALA A 300 1.91 -10.43 7.26
CA ALA A 300 2.43 -10.06 8.58
C ALA A 300 1.91 -11.03 9.68
N LEU A 301 0.65 -11.47 9.56
CA LEU A 301 0.08 -12.39 10.53
C LEU A 301 0.78 -13.75 10.52
N VAL A 302 1.01 -14.29 9.32
CA VAL A 302 1.64 -15.59 9.17
C VAL A 302 3.15 -15.56 9.46
N GLU A 303 3.81 -14.43 9.20
CA GLU A 303 5.25 -14.30 9.46
C GLU A 303 5.52 -13.75 10.92
N ARG A 304 4.46 -13.64 11.72
CA ARG A 304 4.52 -13.17 13.11
C ARG A 304 5.05 -11.71 13.29
N THR A 305 4.99 -10.91 12.23
CA THR A 305 5.42 -9.52 12.29
C THR A 305 4.56 -8.80 13.25
N PRO A 306 5.17 -8.06 14.18
CA PRO A 306 4.44 -7.29 15.19
C PRO A 306 3.38 -6.30 14.63
N HIS A 307 3.76 -5.59 13.58
CA HIS A 307 2.86 -4.62 12.97
C HIS A 307 1.99 -5.17 11.85
N VAL A 308 0.68 -5.21 12.05
CA VAL A 308 -0.23 -5.67 11.02
C VAL A 308 -0.87 -4.37 10.41
N PRO A 309 -0.76 -4.18 9.08
CA PRO A 309 -1.30 -3.02 8.38
C PRO A 309 -2.85 -3.05 8.13
N TYR A 310 -3.62 -3.23 9.19
CA TYR A 310 -5.08 -3.26 9.11
C TYR A 310 -5.66 -1.95 8.60
N ARG A 311 -5.18 -0.84 9.18
CA ARG A 311 -5.66 0.51 8.87
C ARG A 311 -5.36 1.04 7.48
N GLU A 312 -4.43 0.43 6.76
CA GLU A 312 -4.07 0.90 5.42
C GLU A 312 -5.20 0.68 4.25
N SER A 313 -6.38 0.18 4.63
CA SER A 313 -7.49 -0.06 3.68
C SER A 313 -8.84 -0.26 4.42
N LYS A 314 -9.93 0.17 3.78
CA LYS A 314 -11.27 0.06 4.32
C LYS A 314 -11.62 -1.39 4.66
N LEU A 315 -11.44 -2.28 3.71
CA LEU A 315 -11.73 -3.69 3.92
C LEU A 315 -11.05 -4.25 5.23
N THR A 316 -9.74 -4.06 5.37
CA THR A 316 -9.07 -4.62 6.55
C THR A 316 -9.31 -3.97 7.86
N ARG A 317 -9.87 -2.76 7.87
CA ARG A 317 -10.17 -2.09 9.13
C ARG A 317 -11.52 -2.63 9.54
N ILE A 318 -12.41 -2.70 8.56
CA ILE A 318 -13.76 -3.20 8.75
C ILE A 318 -13.73 -4.69 9.31
N LEU A 319 -13.04 -5.57 8.58
CA LEU A 319 -12.95 -6.98 8.95
C LEU A 319 -11.73 -7.38 9.75
N GLN A 320 -11.03 -6.43 10.39
CA GLN A 320 -9.82 -6.77 11.15
C GLN A 320 -9.98 -7.84 12.29
N ASP A 321 -11.20 -8.05 12.79
CA ASP A 321 -11.37 -9.06 13.83
C ASP A 321 -11.48 -10.46 13.20
N SER A 322 -11.67 -10.48 11.89
CA SER A 322 -11.77 -11.72 11.13
C SER A 322 -10.31 -12.18 10.64
N LEU A 323 -9.29 -11.35 10.88
CA LEU A 323 -7.91 -11.64 10.50
C LEU A 323 -7.02 -11.50 11.74
N GLY A 324 -6.87 -12.62 12.46
CA GLY A 324 -6.09 -12.59 13.69
C GLY A 324 -6.89 -12.00 14.86
N GLY A 325 -8.22 -12.04 14.77
CA GLY A 325 -9.05 -11.50 15.85
C GLY A 325 -9.81 -12.58 16.60
N ARG A 326 -10.94 -12.23 17.21
CA ARG A 326 -11.70 -13.23 17.95
C ARG A 326 -12.81 -13.87 17.09
N THR A 327 -12.67 -13.80 15.77
CA THR A 327 -13.66 -14.35 14.86
C THR A 327 -13.23 -15.60 14.20
N ARG A 328 -14.18 -16.51 13.98
CA ARG A 328 -13.87 -17.75 13.28
C ARG A 328 -14.01 -17.42 11.80
N THR A 329 -12.97 -17.59 10.99
CA THR A 329 -13.09 -17.27 9.57
C THR A 329 -12.63 -18.36 8.65
N SER A 330 -13.30 -18.45 7.51
CA SER A 330 -12.97 -19.43 6.50
C SER A 330 -12.77 -18.77 5.18
N ILE A 331 -11.84 -19.30 4.39
CA ILE A 331 -11.56 -18.75 3.08
C ILE A 331 -11.81 -19.78 2.05
N ILE A 332 -12.64 -19.45 1.07
CA ILE A 332 -12.92 -20.37 -0.02
C ILE A 332 -12.22 -19.81 -1.23
N ALA A 333 -11.18 -20.49 -1.70
CA ALA A 333 -10.42 -20.06 -2.87
C ALA A 333 -11.00 -20.77 -4.11
N THR A 334 -11.37 -19.98 -5.12
CA THR A 334 -11.94 -20.53 -6.34
C THR A 334 -10.95 -20.49 -7.44
N ILE A 335 -10.89 -21.57 -8.21
CA ILE A 335 -9.95 -21.69 -9.32
C ILE A 335 -10.58 -22.15 -10.57
N SER A 336 -9.83 -21.99 -11.66
CA SER A 336 -10.29 -22.41 -12.97
C SER A 336 -9.46 -23.62 -13.38
N PRO A 337 -10.07 -24.56 -14.10
CA PRO A 337 -9.32 -25.76 -14.52
C PRO A 337 -8.64 -25.60 -15.89
N ALA A 338 -8.95 -24.52 -16.59
CA ALA A 338 -8.38 -24.26 -17.91
C ALA A 338 -6.89 -23.93 -17.87
N SER A 339 -6.13 -24.52 -18.79
CA SER A 339 -4.70 -24.29 -18.87
C SER A 339 -4.34 -22.75 -19.06
N LEU A 340 -5.23 -21.99 -19.69
CA LEU A 340 -5.00 -20.56 -19.93
C LEU A 340 -4.76 -19.76 -18.62
N ASN A 341 -5.44 -20.17 -17.56
CA ASN A 341 -5.36 -19.55 -16.25
C ASN A 341 -4.34 -20.13 -15.34
N LEU A 342 -3.31 -20.76 -15.89
CA LEU A 342 -2.27 -21.37 -15.09
C LEU A 342 -1.63 -20.44 -14.11
N GLU A 343 -1.09 -19.33 -14.61
CA GLU A 343 -0.43 -18.36 -13.75
C GLU A 343 -1.28 -17.89 -12.61
N GLU A 344 -2.54 -17.60 -12.90
CA GLU A 344 -3.45 -17.13 -11.86
C GLU A 344 -3.91 -18.25 -10.87
N THR A 345 -4.12 -19.46 -11.36
CA THR A 345 -4.54 -20.56 -10.49
C THR A 345 -3.49 -20.79 -9.46
N LEU A 346 -2.21 -20.75 -9.85
CA LEU A 346 -1.10 -20.92 -8.92
C LEU A 346 -1.03 -19.77 -7.88
N SER A 347 -1.20 -18.53 -8.35
CA SER A 347 -1.16 -17.39 -7.44
C SER A 347 -2.17 -17.55 -6.36
N THR A 348 -3.35 -18.02 -6.75
CA THR A 348 -4.45 -18.22 -5.82
C THR A 348 -4.20 -19.27 -4.82
N LEU A 349 -3.78 -20.43 -5.31
CA LEU A 349 -3.50 -21.54 -4.42
C LEU A 349 -2.42 -21.16 -3.47
N GLU A 350 -1.34 -20.63 -4.01
CA GLU A 350 -0.21 -20.22 -3.19
C GLU A 350 -0.62 -19.17 -2.15
N TYR A 351 -1.50 -18.25 -2.57
CA TYR A 351 -2.01 -17.21 -1.69
C TYR A 351 -2.84 -17.87 -0.54
N ALA A 352 -3.72 -18.81 -0.92
CA ALA A 352 -4.59 -19.52 0.00
C ALA A 352 -3.86 -20.51 0.92
N HIS A 353 -2.72 -21.01 0.46
CA HIS A 353 -1.95 -21.96 1.26
C HIS A 353 -1.28 -21.26 2.45
N ARG A 354 -0.89 -20.00 2.25
CA ARG A 354 -0.24 -19.21 3.32
C ARG A 354 -1.22 -18.77 4.36
N ALA A 355 -2.45 -18.49 3.94
CA ALA A 355 -3.50 -18.06 4.85
C ALA A 355 -3.78 -19.12 5.94
N LYS A 356 -3.59 -20.40 5.64
CA LYS A 356 -3.82 -21.50 6.59
C LYS A 356 -3.09 -21.29 7.98
N ASN A 357 -1.90 -20.70 7.92
CA ASN A 357 -1.10 -20.44 9.12
C ASN A 357 -1.58 -19.27 10.00
N ILE A 358 -2.61 -18.56 9.58
CA ILE A 358 -3.12 -17.46 10.37
C ILE A 358 -3.90 -18.03 11.54
N LEU A 359 -3.64 -17.48 12.73
CA LEU A 359 -4.29 -17.95 13.94
C LEU A 359 -5.04 -16.84 14.60
N ASN A 360 -6.28 -17.12 14.99
CA ASN A 360 -7.09 -16.16 15.69
C ASN A 360 -7.93 -16.73 16.84
N LYS A 361 -8.28 -15.86 17.79
CA LYS A 361 -9.04 -16.18 19.01
C LYS A 361 -8.09 -16.62 20.16
N ASN B 17 24.35 -0.05 -8.47
CA ASN B 17 24.78 1.22 -9.11
C ASN B 17 24.46 2.45 -8.21
N ILE B 18 23.36 2.38 -7.46
CA ILE B 18 22.93 3.47 -6.58
C ILE B 18 23.96 3.70 -5.40
N GLN B 19 24.33 4.97 -5.21
CA GLN B 19 25.26 5.36 -4.16
C GLN B 19 24.50 5.64 -2.93
N VAL B 20 24.94 5.09 -1.81
CA VAL B 20 24.28 5.30 -0.53
C VAL B 20 25.29 5.67 0.54
N VAL B 21 25.09 6.83 1.16
CA VAL B 21 25.99 7.30 2.21
C VAL B 21 25.24 7.58 3.52
N VAL B 22 25.98 7.62 4.63
CA VAL B 22 25.38 7.86 5.94
C VAL B 22 25.98 9.11 6.61
N ARG B 23 25.12 9.89 7.28
CA ARG B 23 25.58 11.09 7.97
C ARG B 23 25.00 11.08 9.39
N CYS B 24 25.86 11.26 10.39
CA CYS B 24 25.42 11.26 11.78
C CYS B 24 25.44 12.64 12.30
N ARG B 25 24.33 13.07 12.88
CA ARG B 25 24.27 14.42 13.41
C ARG B 25 24.97 14.47 14.73
N PRO B 26 25.35 15.68 15.14
CA PRO B 26 26.04 15.92 16.42
C PRO B 26 25.03 16.17 17.60
N PHE B 27 25.46 15.94 18.84
CA PHE B 27 24.61 16.17 20.00
C PHE B 27 24.20 17.64 20.17
N ASN B 28 22.91 17.88 20.44
CA ASN B 28 22.44 19.25 20.64
C ASN B 28 22.72 19.67 22.14
N LEU B 29 22.45 20.93 22.47
CA LEU B 29 22.65 21.44 23.83
C LEU B 29 21.97 20.61 24.95
N ALA B 30 20.74 20.17 24.68
CA ALA B 30 19.97 19.38 25.65
C ALA B 30 20.63 18.01 25.95
N GLU B 31 21.27 17.44 24.94
CA GLU B 31 21.93 16.15 25.10
C GLU B 31 23.32 16.27 25.78
N ARG B 32 24.12 17.25 25.38
CA ARG B 32 25.45 17.44 25.97
C ARG B 32 25.34 17.87 27.46
N LYS B 33 24.24 18.55 27.81
CA LYS B 33 24.02 18.96 29.19
C LYS B 33 23.88 17.72 30.07
N ALA B 34 23.33 16.65 29.49
CA ALA B 34 23.15 15.38 30.20
C ALA B 34 24.37 14.46 29.98
N SER B 35 25.50 15.01 29.51
CA SER B 35 26.72 14.25 29.25
C SER B 35 26.43 13.00 28.43
N ALA B 36 25.82 13.21 27.27
CA ALA B 36 25.45 12.12 26.39
C ALA B 36 26.63 11.26 25.89
N HIS B 37 26.36 9.96 25.88
CA HIS B 37 27.29 8.92 25.45
C HIS B 37 26.85 8.47 24.03
N SER B 38 27.75 8.59 23.07
CA SER B 38 27.43 8.22 21.70
C SER B 38 27.48 6.79 21.45
N ILE B 39 26.41 6.28 20.84
CA ILE B 39 26.32 4.87 20.50
C ILE B 39 26.60 4.66 18.99
N VAL B 40 27.06 5.69 18.29
CA VAL B 40 27.35 5.59 16.86
C VAL B 40 28.83 6.03 16.52
N GLU B 41 29.58 5.13 15.88
CA GLU B 41 30.97 5.43 15.50
C GLU B 41 31.15 5.33 14.08
N CYS B 42 31.69 6.36 13.45
CA CYS B 42 31.91 6.33 12.02
C CYS B 42 33.38 6.15 11.69
N ASP B 43 33.60 5.31 10.69
CA ASP B 43 34.94 5.02 10.23
C ASP B 43 34.97 5.36 8.72
N PRO B 44 35.24 6.62 8.37
CA PRO B 44 35.30 7.04 6.97
C PRO B 44 36.35 6.24 6.12
N VAL B 45 37.52 5.96 6.69
CA VAL B 45 38.56 5.20 6.01
C VAL B 45 38.07 3.78 5.63
N ARG B 46 37.39 3.15 6.56
CA ARG B 46 36.84 1.80 6.34
C ARG B 46 35.44 1.90 5.69
N LYS B 47 34.86 3.09 5.73
CA LYS B 47 33.54 3.38 5.18
C LYS B 47 32.45 2.67 5.92
N GLU B 48 32.62 2.55 7.24
CA GLU B 48 31.63 1.85 8.05
C GLU B 48 31.04 2.72 9.06
N VAL B 49 29.90 2.26 9.58
CA VAL B 49 29.19 2.93 10.65
C VAL B 49 28.87 1.82 11.57
N SER B 50 29.17 1.99 12.84
CA SER B 50 28.93 0.93 13.81
C SER B 50 28.05 1.43 14.90
N VAL B 51 26.99 0.69 15.21
CA VAL B 51 26.03 1.07 16.24
C VAL B 51 26.07 0.15 17.49
N ARG B 52 26.05 0.73 18.68
CA ARG B 52 26.06 -0.07 19.91
C ARG B 52 24.66 -0.42 20.24
N THR B 53 24.34 -1.70 20.15
CA THR B 53 22.99 -2.18 20.42
C THR B 53 22.77 -2.66 21.88
N GLY B 54 23.85 -2.94 22.59
CA GLY B 54 23.70 -3.39 23.96
C GLY B 54 24.94 -3.09 24.77
N GLY B 55 24.95 -3.53 26.02
CA GLY B 55 26.10 -3.29 26.88
C GLY B 55 26.65 -1.87 26.84
N LEU B 56 27.89 -1.74 27.32
CA LEU B 56 28.61 -0.47 27.40
C LEU B 56 29.97 -0.52 26.63
N ALA B 57 30.86 0.42 26.93
CA ALA B 57 32.17 0.45 26.29
C ALA B 57 33.00 -0.77 26.74
N ASP B 58 33.00 -1.01 28.05
CA ASP B 58 33.74 -2.12 28.65
C ASP B 58 33.41 -3.51 28.03
N LYS B 59 32.19 -3.68 27.55
CA LYS B 59 31.77 -4.95 26.96
C LYS B 59 30.42 -4.74 26.30
N SER B 60 30.31 -4.99 25.00
CA SER B 60 29.03 -4.75 24.33
C SER B 60 28.81 -5.39 22.97
N SER B 61 27.58 -5.23 22.49
CA SER B 61 27.21 -5.74 21.18
C SER B 61 27.14 -4.55 20.22
N ARG B 62 27.39 -4.78 18.94
CA ARG B 62 27.33 -3.71 17.96
C ARG B 62 26.87 -4.23 16.61
N LYS B 63 26.40 -3.30 15.78
CA LYS B 63 25.94 -3.61 14.44
C LYS B 63 26.76 -2.76 13.50
N THR B 64 27.55 -3.37 12.61
CA THR B 64 28.36 -2.59 11.68
C THR B 64 27.92 -2.79 10.24
N TYR B 65 27.77 -1.69 9.51
CA TYR B 65 27.33 -1.70 8.11
C TYR B 65 28.32 -0.90 7.21
N THR B 66 28.49 -1.34 5.97
CA THR B 66 29.41 -0.67 5.08
C THR B 66 28.66 0.05 4.01
N PHE B 67 29.03 1.30 3.77
CA PHE B 67 28.38 2.08 2.74
C PHE B 67 29.43 2.66 1.82
N ASP B 68 29.00 3.42 0.82
CA ASP B 68 29.96 4.02 -0.11
C ASP B 68 30.74 5.17 0.56
N MET B 69 30.12 5.82 1.55
CA MET B 69 30.75 6.92 2.27
C MET B 69 30.04 7.14 3.56
N VAL B 70 30.78 7.48 4.60
CA VAL B 70 30.17 7.74 5.88
C VAL B 70 30.73 9.03 6.43
N PHE B 71 29.84 9.83 7.02
CA PHE B 71 30.21 11.11 7.60
C PHE B 71 29.78 11.20 9.05
N GLY B 72 30.76 11.29 9.93
CA GLY B 72 30.44 11.41 11.33
C GLY B 72 29.92 12.79 11.65
N ALA B 73 29.48 12.99 12.89
CA ALA B 73 28.94 14.28 13.32
C ALA B 73 29.96 15.46 13.19
N SER B 74 31.21 15.15 12.83
CA SER B 74 32.24 16.17 12.67
C SER B 74 32.23 16.83 11.26
N THR B 75 31.77 16.09 10.25
CA THR B 75 31.72 16.58 8.86
C THR B 75 30.90 17.90 8.69
N LYS B 76 31.44 18.81 7.89
CA LYS B 76 30.76 20.08 7.65
C LYS B 76 30.08 20.07 6.34
N GLN B 77 29.14 20.98 6.15
CA GLN B 77 28.39 21.07 4.90
C GLN B 77 29.29 20.96 3.72
N ILE B 78 30.28 21.85 3.67
CA ILE B 78 31.23 21.92 2.58
C ILE B 78 31.86 20.55 2.17
N ASP B 79 32.15 19.68 3.14
CA ASP B 79 32.73 18.38 2.83
C ASP B 79 31.64 17.47 2.18
N VAL B 80 30.42 17.49 2.72
CA VAL B 80 29.34 16.70 2.17
C VAL B 80 29.20 17.07 0.73
N TYR B 81 29.11 18.38 0.47
CA TYR B 81 28.95 18.85 -0.89
C TYR B 81 30.10 18.49 -1.80
N ARG B 82 31.33 18.71 -1.38
CA ARG B 82 32.47 18.35 -2.23
C ARG B 82 32.51 16.84 -2.53
N SER B 83 32.27 16.01 -1.53
CA SER B 83 32.29 14.56 -1.69
C SER B 83 31.17 13.96 -2.43
N VAL B 84 29.96 14.29 -2.04
CA VAL B 84 28.77 13.74 -2.68
C VAL B 84 28.26 14.56 -3.88
N VAL B 85 27.88 15.81 -3.66
CA VAL B 85 27.30 16.66 -4.70
C VAL B 85 28.18 17.13 -5.91
N CYS B 86 29.40 17.60 -5.65
CA CYS B 86 30.25 18.06 -6.74
C CYS B 86 30.29 17.01 -7.92
N PRO B 87 30.54 15.72 -7.62
CA PRO B 87 30.57 14.71 -8.68
C PRO B 87 29.21 14.54 -9.43
N ILE B 88 28.11 14.74 -8.71
CA ILE B 88 26.77 14.62 -9.30
C ILE B 88 26.41 15.85 -10.17
N LEU B 89 26.84 17.03 -9.75
CA LEU B 89 26.55 18.23 -10.53
C LEU B 89 27.26 18.16 -11.86
N ASP B 90 28.45 17.57 -11.86
CA ASP B 90 29.23 17.42 -13.07
C ASP B 90 28.57 16.51 -14.03
N GLU B 91 27.89 15.51 -13.51
CA GLU B 91 27.19 14.59 -14.38
C GLU B 91 25.89 15.30 -14.95
N VAL B 92 25.19 16.07 -14.12
CA VAL B 92 24.00 16.79 -14.59
C VAL B 92 24.40 17.69 -15.75
N ILE B 93 25.45 18.47 -15.54
CA ILE B 93 25.96 19.39 -16.57
C ILE B 93 26.29 18.67 -17.91
N MET B 94 26.67 17.40 -17.86
CA MET B 94 26.94 16.66 -19.10
C MET B 94 25.59 16.22 -19.80
N GLY B 95 24.45 16.52 -19.17
CA GLY B 95 23.16 16.16 -19.71
C GLY B 95 22.49 14.91 -19.12
N TYR B 96 22.89 14.52 -17.93
CA TYR B 96 22.31 13.36 -17.27
C TYR B 96 21.31 13.80 -16.22
N ASN B 97 20.38 12.91 -15.88
CA ASN B 97 19.41 13.24 -14.85
C ASN B 97 19.97 12.67 -13.60
N CYS B 98 19.74 13.34 -12.48
CA CYS B 98 20.26 12.85 -11.22
C CYS B 98 19.35 13.17 -10.10
N THR B 99 19.40 12.32 -9.08
CA THR B 99 18.56 12.52 -7.91
C THR B 99 19.31 12.23 -6.60
N ILE B 100 19.03 13.01 -5.56
CA ILE B 100 19.66 12.76 -4.26
C ILE B 100 18.62 12.76 -3.17
N PHE B 101 18.46 11.61 -2.51
CA PHE B 101 17.50 11.47 -1.43
C PHE B 101 18.11 11.69 -0.08
N ALA B 102 17.27 12.07 0.87
CA ALA B 102 17.70 12.23 2.26
C ALA B 102 16.71 11.36 3.00
N TYR B 103 17.18 10.24 3.56
CA TYR B 103 16.32 9.30 4.27
C TYR B 103 16.66 9.10 5.74
N GLY B 104 15.65 9.11 6.60
CA GLY B 104 15.92 8.90 8.02
C GLY B 104 14.93 9.54 8.96
N GLN B 105 15.01 9.12 10.23
CA GLN B 105 14.14 9.61 11.30
C GLN B 105 14.09 11.16 11.44
N THR B 106 12.92 11.65 11.83
CA THR B 106 12.72 13.09 12.03
C THR B 106 13.70 13.52 13.05
N GLY B 107 14.35 14.66 12.83
CA GLY B 107 15.32 15.14 13.79
C GLY B 107 16.75 14.69 13.63
N THR B 108 17.08 14.07 12.49
CA THR B 108 18.46 13.61 12.26
C THR B 108 19.25 14.39 11.15
N GLY B 109 18.72 15.54 10.70
CA GLY B 109 19.42 16.32 9.69
C GLY B 109 19.11 16.12 8.21
N LYS B 110 17.87 15.72 7.86
CA LYS B 110 17.49 15.54 6.46
C LYS B 110 17.40 16.95 5.82
N THR B 111 16.78 17.89 6.51
CA THR B 111 16.65 19.25 5.97
C THR B 111 17.97 20.09 6.14
N PHE B 112 18.75 19.78 7.17
CA PHE B 112 20.00 20.48 7.39
C PHE B 112 20.96 20.18 6.22
N THR B 113 21.02 18.89 5.87
CA THR B 113 21.85 18.38 4.79
C THR B 113 21.41 18.92 3.41
N MET B 114 20.13 18.83 3.10
CA MET B 114 19.62 19.30 1.80
C MET B 114 19.40 20.79 1.69
N GLU B 115 19.14 21.46 2.80
CA GLU B 115 18.88 22.89 2.74
C GLU B 115 19.81 23.64 3.48
N GLY B 116 19.92 23.33 4.77
CA GLY B 116 20.85 24.03 5.62
C GLY B 116 20.20 25.19 6.34
N GLU B 117 20.95 25.84 7.24
CA GLU B 117 20.42 26.96 8.00
C GLU B 117 21.29 28.20 7.86
N ARG B 118 20.98 29.22 8.66
CA ARG B 118 21.79 30.43 8.59
C ARG B 118 22.62 30.54 9.84
N SER B 119 23.88 30.99 9.66
CA SER B 119 24.74 31.16 10.81
C SER B 119 24.17 32.23 11.49
N PRO B 120 24.04 32.09 12.81
CA PRO B 120 23.44 33.15 13.63
C PRO B 120 24.04 34.52 13.62
N ASN B 121 23.19 35.48 13.95
CA ASN B 121 23.56 36.88 14.05
C ASN B 121 24.13 37.53 12.79
N GLU B 122 23.64 37.14 11.61
CA GLU B 122 24.11 37.71 10.34
C GLU B 122 25.62 37.77 10.15
N GLU B 123 26.29 36.70 10.57
CA GLU B 123 27.73 36.62 10.46
C GLU B 123 28.18 36.51 9.02
N TYR B 124 27.39 35.88 8.17
CA TYR B 124 27.78 35.74 6.76
C TYR B 124 26.64 36.07 5.79
N THR B 125 26.99 36.11 4.50
CA THR B 125 26.03 36.36 3.44
C THR B 125 25.67 34.99 2.99
N TRP B 126 24.44 34.78 2.55
CA TRP B 126 24.01 33.45 2.18
C TRP B 126 25.00 32.58 1.40
N GLU B 127 25.67 33.13 0.40
CA GLU B 127 26.61 32.35 -0.41
C GLU B 127 27.94 32.01 0.27
N GLU B 128 28.14 32.47 1.49
CA GLU B 128 29.37 32.20 2.21
C GLU B 128 29.11 31.49 3.49
N ASP B 129 27.84 31.32 3.84
CA ASP B 129 27.49 30.64 5.07
C ASP B 129 27.94 29.16 5.04
N PRO B 130 28.73 28.78 6.03
CA PRO B 130 29.24 27.41 6.15
C PRO B 130 28.11 26.39 6.56
N LEU B 131 26.96 26.90 7.01
CA LEU B 131 25.83 26.03 7.36
C LEU B 131 24.86 25.84 6.09
N ALA B 132 25.20 26.46 4.96
CA ALA B 132 24.40 26.32 3.75
C ALA B 132 24.39 24.79 3.32
N GLY B 133 23.23 24.29 2.94
CA GLY B 133 23.09 22.90 2.54
C GLY B 133 23.30 22.71 1.05
N ILE B 134 22.94 21.53 0.55
CA ILE B 134 23.11 21.22 -0.84
C ILE B 134 22.39 22.11 -1.77
N ILE B 135 21.10 22.32 -1.58
CA ILE B 135 20.40 23.17 -2.53
C ILE B 135 21.04 24.62 -2.76
N PRO B 136 21.24 25.42 -1.70
CA PRO B 136 21.86 26.72 -2.00
C PRO B 136 23.29 26.61 -2.64
N ARG B 137 24.07 25.65 -2.19
CA ARG B 137 25.40 25.47 -2.75
C ARG B 137 25.37 25.03 -4.25
N THR B 138 24.43 24.19 -4.64
CA THR B 138 24.34 23.73 -6.03
C THR B 138 24.00 24.85 -6.96
N LEU B 139 22.99 25.61 -6.58
CA LEU B 139 22.55 26.73 -7.40
C LEU B 139 23.64 27.73 -7.54
N HIS B 140 24.36 28.02 -6.47
CA HIS B 140 25.45 28.99 -6.55
C HIS B 140 26.60 28.42 -7.47
N GLN B 141 26.83 27.12 -7.40
CA GLN B 141 27.89 26.50 -8.21
C GLN B 141 27.63 26.35 -9.59
N ILE B 142 26.36 26.29 -9.96
CA ILE B 142 25.96 26.13 -11.37
C ILE B 142 26.38 27.38 -12.18
N PHE B 143 26.23 28.55 -11.56
CA PHE B 143 26.61 29.78 -12.21
C PHE B 143 28.10 29.94 -12.28
N GLU B 144 28.80 29.42 -11.27
CA GLU B 144 30.27 29.49 -11.23
C GLU B 144 30.91 28.56 -12.30
N LYS B 145 30.45 27.31 -12.35
CA LYS B 145 30.97 26.34 -13.31
C LYS B 145 30.69 26.71 -14.79
N LEU B 146 29.54 27.32 -15.05
CA LEU B 146 29.18 27.70 -16.42
C LEU B 146 29.36 29.20 -16.67
N THR B 147 30.21 29.85 -15.89
CA THR B 147 30.44 31.29 -16.04
C THR B 147 30.94 31.71 -17.50
N ASP B 148 32.01 31.09 -18.02
CA ASP B 148 32.51 31.40 -19.36
C ASP B 148 33.18 30.25 -20.07
N ASN B 149 32.55 29.08 -19.98
CA ASN B 149 33.09 27.90 -20.65
C ASN B 149 32.48 27.73 -22.07
N GLY B 150 31.78 28.76 -22.54
CA GLY B 150 31.16 28.71 -23.86
C GLY B 150 29.88 27.91 -23.95
N THR B 151 29.30 27.58 -22.80
CA THR B 151 28.06 26.82 -22.76
C THR B 151 26.94 27.70 -22.34
N GLU B 152 26.07 28.05 -23.29
CA GLU B 152 24.93 28.91 -23.01
C GLU B 152 24.00 28.12 -22.10
N PHE B 153 23.28 28.78 -21.19
CA PHE B 153 22.40 28.06 -20.29
C PHE B 153 21.37 28.87 -19.60
N SER B 154 20.30 28.18 -19.20
CA SER B 154 19.18 28.78 -18.47
C SER B 154 18.84 27.83 -17.30
N VAL B 155 18.58 28.38 -16.13
CA VAL B 155 18.26 27.53 -14.98
C VAL B 155 16.88 27.75 -14.51
N LYS B 156 16.11 26.67 -14.38
CA LYS B 156 14.72 26.71 -13.93
C LYS B 156 14.54 25.78 -12.66
N VAL B 157 13.92 26.31 -11.61
CA VAL B 157 13.69 25.49 -10.43
C VAL B 157 12.22 25.25 -10.23
N SER B 158 11.94 24.23 -9.41
CA SER B 158 10.58 23.84 -9.05
C SER B 158 10.62 23.26 -7.68
N LEU B 159 9.64 23.62 -6.84
CA LEU B 159 9.56 23.06 -5.48
C LEU B 159 8.20 22.35 -5.31
N LEU B 160 8.25 21.04 -5.55
CA LEU B 160 7.06 20.20 -5.49
C LEU B 160 6.96 19.40 -4.22
N GLU B 161 5.86 19.57 -3.49
CA GLU B 161 5.70 18.82 -2.25
C GLU B 161 4.46 17.95 -2.15
N ILE B 162 4.65 16.82 -1.48
CA ILE B 162 3.59 15.84 -1.29
C ILE B 162 3.23 15.70 0.18
N TYR B 163 1.93 15.67 0.46
CA TYR B 163 1.44 15.54 1.83
C TYR B 163 0.11 14.84 1.77
N ASN B 164 -0.01 13.73 2.47
CA ASN B 164 -1.26 12.99 2.44
C ASN B 164 -1.69 12.73 0.98
N GLU B 165 -0.72 12.34 0.15
CA GLU B 165 -0.93 12.07 -1.26
C GLU B 165 -1.50 13.18 -2.09
N GLU B 166 -1.20 14.42 -1.75
CA GLU B 166 -1.66 15.55 -2.53
C GLU B 166 -0.47 16.33 -2.93
N LEU B 167 -0.58 17.16 -3.96
CA LEU B 167 0.58 17.88 -4.44
C LEU B 167 0.43 19.39 -4.29
N PHE B 168 1.51 20.01 -3.83
CA PHE B 168 1.51 21.44 -3.62
C PHE B 168 2.74 22.08 -4.27
N ASP B 169 2.58 23.33 -4.69
CA ASP B 169 3.67 24.08 -5.32
C ASP B 169 4.07 25.04 -4.31
N LEU B 170 5.31 24.97 -3.83
CA LEU B 170 5.73 25.94 -2.84
C LEU B 170 6.50 27.11 -3.43
N LEU B 171 6.35 27.35 -4.73
CA LEU B 171 7.02 28.46 -5.41
C LEU B 171 6.06 29.36 -6.24
N ASN B 172 4.77 29.11 -6.14
CA ASN B 172 3.77 29.92 -6.86
C ASN B 172 3.24 30.98 -5.87
N PRO B 173 3.60 32.26 -6.09
CA PRO B 173 3.17 33.36 -5.23
C PRO B 173 1.71 33.81 -5.45
N SER B 174 1.07 33.28 -6.48
CA SER B 174 -0.32 33.60 -6.82
C SER B 174 -1.31 32.74 -6.03
N SER B 175 -0.99 31.46 -5.86
CA SER B 175 -1.87 30.55 -5.14
C SER B 175 -1.47 30.41 -3.72
N ASP B 176 -2.34 29.79 -2.93
CA ASP B 176 -2.05 29.55 -1.54
C ASP B 176 -1.76 28.04 -1.34
N VAL B 177 -1.31 27.68 -0.14
CA VAL B 177 -0.99 26.28 0.18
C VAL B 177 -2.25 25.32 0.34
N SER B 178 -3.43 25.81 -0.04
CA SER B 178 -4.66 25.03 0.04
C SER B 178 -5.11 24.53 -1.36
N GLU B 179 -4.33 24.87 -2.38
CA GLU B 179 -4.64 24.48 -3.76
C GLU B 179 -3.72 23.40 -4.24
N ARG B 180 -4.24 22.19 -4.26
CA ARG B 180 -3.51 21.01 -4.68
C ARG B 180 -3.39 20.96 -6.24
N LEU B 181 -2.43 20.20 -6.75
CA LEU B 181 -2.21 20.09 -8.18
C LEU B 181 -2.64 18.75 -8.68
N GLN B 182 -2.89 18.65 -9.99
CA GLN B 182 -3.32 17.41 -10.61
C GLN B 182 -2.23 16.78 -11.27
N MET B 183 -2.14 15.47 -11.19
CA MET B 183 -1.06 14.73 -11.82
C MET B 183 -1.63 13.74 -12.94
N PHE B 184 -0.93 13.66 -14.07
CA PHE B 184 -1.36 12.81 -15.19
C PHE B 184 -0.18 12.09 -15.83
N ASP B 185 -0.43 10.97 -16.49
CA ASP B 185 0.65 10.23 -17.16
C ASP B 185 1.02 10.92 -18.34
N ASP B 186 2.30 11.06 -18.60
CA ASP B 186 2.72 11.77 -19.80
C ASP B 186 2.54 10.89 -21.02
N PRO B 187 1.65 11.28 -21.93
CA PRO B 187 1.32 10.56 -23.17
C PRO B 187 2.55 10.21 -23.98
N ARG B 188 3.47 11.16 -24.06
CA ARG B 188 4.70 10.96 -24.79
C ARG B 188 5.45 9.70 -24.31
N ASN B 189 5.55 9.53 -23.00
CA ASN B 189 6.23 8.37 -22.43
C ASN B 189 5.70 8.10 -21.06
N LYS B 190 4.98 6.99 -20.90
CA LYS B 190 4.39 6.63 -19.59
C LYS B 190 5.42 6.53 -18.41
N ARG B 191 6.72 6.52 -18.74
CA ARG B 191 7.78 6.47 -17.74
C ARG B 191 7.71 7.76 -16.84
N GLY B 192 7.27 8.87 -17.44
CA GLY B 192 7.18 10.12 -16.71
C GLY B 192 5.76 10.51 -16.34
N VAL B 193 5.60 11.74 -15.85
CA VAL B 193 4.31 12.24 -15.44
C VAL B 193 4.25 13.76 -15.65
N ILE B 194 3.04 14.29 -15.74
CA ILE B 194 2.80 15.73 -15.94
C ILE B 194 2.07 16.33 -14.78
N ILE B 195 2.63 17.39 -14.18
CA ILE B 195 1.95 18.03 -13.06
C ILE B 195 1.41 19.32 -13.55
N LYS B 196 0.10 19.37 -13.67
CA LYS B 196 -0.59 20.57 -14.14
C LYS B 196 -0.55 21.71 -13.15
N GLY B 197 -0.03 22.85 -13.60
CA GLY B 197 0.03 24.01 -12.75
C GLY B 197 1.35 24.28 -12.03
N LEU B 198 2.23 23.28 -11.97
CA LEU B 198 3.51 23.43 -11.29
C LEU B 198 4.41 24.52 -11.98
N GLU B 199 4.67 25.58 -11.21
CA GLU B 199 5.48 26.71 -11.66
C GLU B 199 6.92 26.40 -11.76
N GLU B 200 7.58 27.02 -12.73
CA GLU B 200 9.01 26.86 -12.92
C GLU B 200 9.52 28.27 -12.93
N ILE B 201 10.42 28.57 -11.99
CA ILE B 201 10.98 29.91 -11.90
C ILE B 201 12.37 29.96 -12.49
N THR B 202 12.60 30.88 -13.42
CA THR B 202 13.91 31.01 -14.04
C THR B 202 14.80 31.75 -13.15
N VAL B 203 16.01 31.22 -12.93
CA VAL B 203 17.01 31.84 -12.09
C VAL B 203 18.01 32.42 -13.09
N HIS B 204 17.95 33.74 -13.24
CA HIS B 204 18.78 34.48 -14.17
C HIS B 204 20.23 34.62 -13.78
N ASN B 205 20.50 34.78 -12.49
CA ASN B 205 21.86 34.89 -12.01
C ASN B 205 21.91 34.39 -10.56
N LYS B 206 23.10 34.35 -9.96
CA LYS B 206 23.22 33.88 -8.58
C LYS B 206 22.60 34.85 -7.58
N ASP B 207 22.34 36.07 -8.03
CA ASP B 207 21.75 37.07 -7.17
C ASP B 207 20.27 37.02 -7.09
N GLU B 208 19.67 35.92 -7.53
CA GLU B 208 18.21 35.76 -7.47
C GLU B 208 17.84 34.55 -6.67
N VAL B 209 18.76 33.60 -6.52
CA VAL B 209 18.47 32.36 -5.82
C VAL B 209 18.14 32.52 -4.36
N TYR B 210 18.71 33.45 -3.61
CA TYR B 210 18.34 33.53 -2.22
C TYR B 210 16.83 33.96 -2.08
N GLN B 211 16.46 35.00 -2.82
CA GLN B 211 15.09 35.46 -2.79
C GLN B 211 14.09 34.30 -3.10
N ILE B 212 14.38 33.53 -4.15
CA ILE B 212 13.52 32.42 -4.54
C ILE B 212 13.43 31.33 -3.43
N LEU B 213 14.53 31.13 -2.70
CA LEU B 213 14.55 30.16 -1.62
C LEU B 213 13.72 30.70 -0.41
N GLU B 214 13.75 32.02 -0.24
CA GLU B 214 12.99 32.68 0.84
C GLU B 214 11.47 32.59 0.62
N LYS B 215 10.99 32.89 -0.59
CA LYS B 215 9.56 32.81 -0.86
C LYS B 215 9.01 31.35 -0.60
N GLY B 216 9.82 30.34 -0.91
CA GLY B 216 9.41 28.97 -0.69
C GLY B 216 9.28 28.73 0.80
N ALA B 217 10.29 29.14 1.56
CA ALA B 217 10.25 28.95 3.01
C ALA B 217 9.00 29.65 3.63
N ALA B 218 8.71 30.88 3.22
CA ALA B 218 7.56 31.58 3.76
C ALA B 218 6.32 30.84 3.47
N LYS B 219 6.11 30.52 2.21
CA LYS B 219 4.92 29.79 1.78
C LYS B 219 4.75 28.44 2.56
N ARG B 220 5.89 27.84 2.88
CA ARG B 220 5.97 26.58 3.60
C ARG B 220 5.54 26.72 5.10
N THR B 221 5.73 27.92 5.64
CA THR B 221 5.32 28.23 7.01
C THR B 221 3.85 28.22 7.07
N THR B 222 3.21 28.80 6.05
CA THR B 222 1.76 28.82 5.96
C THR B 222 1.27 27.42 5.84
N ALA B 223 2.05 26.57 5.16
CA ALA B 223 1.68 25.17 5.00
C ALA B 223 1.60 24.52 6.34
N ALA B 224 2.66 24.66 7.12
CA ALA B 224 2.72 24.08 8.47
C ALA B 224 1.49 24.50 9.30
N THR B 225 1.10 25.76 9.15
CA THR B 225 -0.05 26.29 9.86
C THR B 225 -1.30 25.49 9.51
N LEU B 226 -1.45 25.23 8.21
CA LEU B 226 -2.60 24.49 7.70
C LEU B 226 -2.62 23.00 7.89
N MET B 227 -1.46 22.33 7.78
CA MET B 227 -1.44 20.87 7.90
C MET B 227 -0.70 20.38 9.07
N ASN B 228 -1.26 19.37 9.73
CA ASN B 228 -0.63 18.79 10.93
C ASN B 228 0.71 18.12 10.63
N ALA B 229 1.71 18.41 11.45
CA ALA B 229 3.05 17.83 11.32
C ALA B 229 3.62 17.94 9.93
N TYR B 230 3.27 19.01 9.21
CA TYR B 230 3.73 19.18 7.83
C TYR B 230 5.20 18.88 7.55
N SER B 231 6.10 19.62 8.18
CA SER B 231 7.52 19.41 7.89
C SER B 231 8.00 17.93 8.11
N SER B 232 7.47 17.21 9.10
CA SER B 232 7.94 15.85 9.31
C SER B 232 7.18 14.89 8.54
N ARG B 233 6.05 15.28 7.96
CA ARG B 233 5.22 14.33 7.21
C ARG B 233 5.15 14.51 5.72
N SER B 234 5.72 15.60 5.20
CA SER B 234 5.68 15.87 3.75
C SER B 234 6.97 15.51 3.04
N HIS B 235 6.85 15.30 1.73
CA HIS B 235 7.99 14.97 0.88
C HIS B 235 8.21 16.20 0.02
N SER B 236 9.47 16.61 -0.11
CA SER B 236 9.75 17.80 -0.89
C SER B 236 10.72 17.51 -1.93
N VAL B 237 10.39 17.84 -3.17
CA VAL B 237 11.26 17.61 -4.30
C VAL B 237 11.63 18.93 -4.97
N PHE B 238 12.86 19.39 -4.74
CA PHE B 238 13.35 20.63 -5.31
C PHE B 238 14.09 20.28 -6.56
N SER B 239 13.56 20.67 -7.71
CA SER B 239 14.20 20.36 -8.99
C SER B 239 14.90 21.57 -9.71
N VAL B 240 16.08 21.30 -10.26
CA VAL B 240 16.83 22.32 -10.98
C VAL B 240 17.25 21.79 -12.36
N THR B 241 16.61 22.35 -13.39
CA THR B 241 16.85 21.96 -14.78
C THR B 241 17.79 22.95 -15.48
N ILE B 242 18.80 22.41 -16.16
CA ILE B 242 19.75 23.24 -16.85
C ILE B 242 19.75 22.99 -18.34
N HIS B 243 19.17 23.91 -19.11
CA HIS B 243 19.16 23.78 -20.57
C HIS B 243 20.48 24.41 -21.02
N MET B 244 21.33 23.60 -21.63
CA MET B 244 22.65 24.05 -22.07
C MET B 244 22.79 23.95 -23.58
N LYS B 245 23.46 24.94 -24.17
CA LYS B 245 23.66 24.95 -25.60
C LYS B 245 25.07 25.43 -25.88
N GLU B 246 25.85 24.61 -26.60
CA GLU B 246 27.22 24.95 -26.95
C GLU B 246 27.37 24.81 -28.39
N THR B 247 28.16 25.69 -28.98
CA THR B 247 28.37 25.68 -30.42
C THR B 247 29.79 25.31 -30.78
N THR B 248 29.95 24.33 -31.67
CA THR B 248 31.27 23.90 -32.10
C THR B 248 31.98 25.02 -32.95
N ILE B 249 33.19 24.69 -33.40
CA ILE B 249 33.98 25.61 -34.22
C ILE B 249 33.44 25.63 -35.66
N ASP B 250 32.50 24.72 -35.95
CA ASP B 250 31.85 24.62 -37.26
C ASP B 250 30.46 25.36 -37.26
N GLY B 251 30.02 25.82 -36.10
CA GLY B 251 28.74 26.51 -36.02
C GLY B 251 27.57 25.64 -35.57
N GLU B 252 27.78 24.34 -35.42
CA GLU B 252 26.70 23.48 -34.99
C GLU B 252 26.42 23.66 -33.51
N GLU B 253 25.17 23.46 -33.12
CA GLU B 253 24.79 23.60 -31.73
C GLU B 253 24.48 22.30 -31.08
N LEU B 254 25.15 22.06 -29.96
CA LEU B 254 24.97 20.84 -29.17
C LEU B 254 24.07 21.23 -27.94
N VAL B 255 22.95 20.54 -27.77
CA VAL B 255 22.06 20.85 -26.66
C VAL B 255 22.00 19.78 -25.57
N LYS B 256 22.24 20.19 -24.33
CA LYS B 256 22.20 19.27 -23.20
C LYS B 256 21.14 19.73 -22.27
N ILE B 257 20.49 18.79 -21.59
CA ILE B 257 19.45 19.11 -20.62
C ILE B 257 19.71 18.28 -19.47
N GLY B 258 20.24 18.87 -18.41
CA GLY B 258 20.51 18.12 -17.22
C GLY B 258 19.56 18.50 -16.11
N LYS B 259 18.90 17.51 -15.50
CA LYS B 259 17.95 17.80 -14.43
C LYS B 259 18.38 17.15 -13.14
N LEU B 260 18.41 17.95 -12.08
CA LEU B 260 18.79 17.46 -10.76
C LEU B 260 17.62 17.58 -9.71
N ASN B 261 17.20 16.43 -9.19
CA ASN B 261 16.13 16.37 -8.17
C ASN B 261 16.72 16.23 -6.74
N LEU B 262 16.36 17.14 -5.86
CA LEU B 262 16.83 17.09 -4.47
C LEU B 262 15.61 16.79 -3.58
N VAL B 263 15.56 15.56 -3.08
CA VAL B 263 14.43 15.10 -2.27
C VAL B 263 14.61 14.99 -0.73
N ASP B 264 13.82 15.79 -0.02
CA ASP B 264 13.82 15.76 1.44
C ASP B 264 12.62 14.77 1.84
N LEU B 265 12.91 13.49 2.08
CA LEU B 265 11.83 12.56 2.42
C LEU B 265 11.21 12.78 3.78
N ALA B 266 9.96 12.33 3.90
CA ALA B 266 9.21 12.44 5.15
C ALA B 266 9.89 11.61 6.11
N GLY B 267 9.84 11.98 7.39
CA GLY B 267 10.51 11.18 8.41
C GLY B 267 10.20 9.70 8.30
N SER B 268 11.19 8.87 8.63
CA SER B 268 11.02 7.40 8.53
C SER B 268 10.55 6.69 9.83
N GLU B 269 10.21 7.44 10.86
CA GLU B 269 9.79 6.82 12.10
C GLU B 269 8.36 6.27 12.01
N ASN B 270 8.19 5.04 12.53
CA ASN B 270 6.89 4.34 12.54
C ASN B 270 6.93 2.90 13.03
N ASN B 286 -3.04 7.53 10.74
CA ASN B 286 -2.58 8.31 9.60
C ASN B 286 -1.27 7.68 8.98
N ILE B 287 -1.40 7.21 7.74
CA ILE B 287 -0.29 6.58 7.05
C ILE B 287 0.31 7.44 5.96
N ASN B 288 1.55 7.14 5.62
CA ASN B 288 2.20 7.88 4.56
C ASN B 288 2.43 6.92 3.46
N GLN B 289 1.49 6.93 2.52
CA GLN B 289 1.52 6.05 1.37
C GLN B 289 2.72 6.16 0.48
N SER B 290 3.21 7.38 0.25
CA SER B 290 4.39 7.56 -0.60
C SER B 290 5.65 6.95 0.05
N LEU B 291 5.83 7.20 1.33
CA LEU B 291 6.96 6.64 2.06
C LEU B 291 6.84 5.04 2.03
N LEU B 292 5.62 4.60 2.32
CA LEU B 292 5.26 3.19 2.35
C LEU B 292 5.53 2.52 1.04
N THR B 293 5.13 3.19 -0.04
CA THR B 293 5.35 2.64 -1.37
C THR B 293 6.83 2.68 -1.72
N LEU B 294 7.56 3.71 -1.27
CA LEU B 294 9.00 3.81 -1.53
C LEU B 294 9.73 2.62 -0.98
N GLY B 295 9.29 2.16 0.19
CA GLY B 295 9.91 1.01 0.83
C GLY B 295 9.58 -0.25 0.08
N ARG B 296 8.36 -0.32 -0.45
CA ARG B 296 7.94 -1.49 -1.22
C ARG B 296 8.54 -1.49 -2.62
N VAL B 297 8.83 -0.31 -3.16
CA VAL B 297 9.44 -0.19 -4.49
C VAL B 297 10.87 -0.64 -4.44
N ILE B 298 11.57 -0.26 -3.38
CA ILE B 298 12.97 -0.65 -3.22
C ILE B 298 13.06 -2.18 -3.02
N THR B 299 12.19 -2.72 -2.17
CA THR B 299 12.17 -4.15 -1.92
C THR B 299 12.00 -4.93 -3.19
N ALA B 300 11.05 -4.54 -4.03
CA ALA B 300 10.80 -5.23 -5.30
C ALA B 300 12.03 -5.13 -6.25
N LEU B 301 12.78 -4.05 -6.12
CA LEU B 301 13.96 -3.81 -6.94
C LEU B 301 15.13 -4.69 -6.49
N VAL B 302 15.38 -4.68 -5.18
CA VAL B 302 16.47 -5.43 -4.56
C VAL B 302 16.30 -6.92 -4.68
N GLU B 303 15.06 -7.38 -4.55
CA GLU B 303 14.74 -8.81 -4.65
C GLU B 303 14.47 -9.23 -6.13
N ARG B 304 14.57 -8.28 -7.03
CA ARG B 304 14.37 -8.52 -8.45
C ARG B 304 13.01 -9.08 -8.83
N THR B 305 11.98 -8.68 -8.10
CA THR B 305 10.62 -9.12 -8.39
C THR B 305 10.25 -8.41 -9.66
N PRO B 306 9.53 -9.08 -10.57
CA PRO B 306 9.09 -8.52 -11.86
C PRO B 306 8.23 -7.22 -11.73
N HIS B 307 7.30 -7.23 -10.77
CA HIS B 307 6.41 -6.09 -10.55
C HIS B 307 6.87 -5.13 -9.47
N VAL B 308 7.11 -3.88 -9.86
CA VAL B 308 7.50 -2.85 -8.91
C VAL B 308 6.29 -1.97 -8.81
N PRO B 309 5.80 -1.72 -7.59
CA PRO B 309 4.63 -0.87 -7.34
C PRO B 309 4.84 0.65 -7.40
N TYR B 310 5.39 1.11 -8.52
CA TYR B 310 5.65 2.52 -8.76
C TYR B 310 4.42 3.36 -8.65
N ARG B 311 3.32 2.86 -9.21
CA ARG B 311 2.05 3.58 -9.22
C ARG B 311 1.27 3.61 -8.01
N GLU B 312 1.67 2.90 -6.96
CA GLU B 312 0.87 2.92 -5.74
C GLU B 312 0.99 4.25 -4.85
N SER B 313 1.75 5.25 -5.34
CA SER B 313 1.94 6.53 -4.63
C SER B 313 2.41 7.67 -5.60
N LYS B 314 2.18 8.91 -5.17
CA LYS B 314 2.55 10.08 -5.95
C LYS B 314 4.03 10.19 -6.04
N LEU B 315 4.69 10.01 -4.91
CA LEU B 315 6.14 10.08 -4.87
C LEU B 315 6.82 9.06 -5.86
N THR B 316 6.54 7.76 -5.72
CA THR B 316 7.20 6.81 -6.62
C THR B 316 6.80 6.91 -8.10
N ARG B 317 5.66 7.51 -8.43
CA ARG B 317 5.28 7.67 -9.83
C ARG B 317 6.09 8.84 -10.38
N ILE B 318 6.22 9.88 -9.56
CA ILE B 318 6.96 11.07 -9.95
C ILE B 318 8.47 10.74 -10.14
N LEU B 319 9.05 10.06 -9.16
CA LEU B 319 10.46 9.72 -9.21
C LEU B 319 10.83 8.34 -9.69
N GLN B 320 9.94 7.61 -10.36
CA GLN B 320 10.30 6.25 -10.80
C GLN B 320 11.60 6.14 -11.64
N ASP B 321 11.96 7.13 -12.44
CA ASP B 321 13.20 6.98 -13.22
C ASP B 321 14.46 6.95 -12.33
N SER B 322 14.28 7.44 -11.09
CA SER B 322 15.34 7.48 -10.09
C SER B 322 15.38 6.14 -9.20
N LEU B 323 14.49 5.21 -9.48
CA LEU B 323 14.41 3.97 -8.76
C LEU B 323 14.44 2.85 -9.76
N GLY B 324 15.67 2.42 -10.05
CA GLY B 324 15.89 1.36 -11.01
C GLY B 324 15.61 1.80 -12.43
N GLY B 325 15.85 3.09 -12.71
CA GLY B 325 15.60 3.64 -14.04
C GLY B 325 16.86 4.05 -14.77
N ARG B 326 16.86 5.24 -15.35
CA ARG B 326 18.03 5.71 -16.07
C ARG B 326 18.70 6.95 -15.42
N THR B 327 18.29 7.26 -14.20
CA THR B 327 18.82 8.40 -13.47
C THR B 327 19.89 7.96 -12.51
N ARG B 328 20.93 8.78 -12.33
CA ARG B 328 21.99 8.48 -11.38
C ARG B 328 21.38 8.79 -10.05
N THR B 329 21.32 7.82 -9.13
CA THR B 329 20.69 8.10 -7.85
C THR B 329 21.55 7.93 -6.63
N SER B 330 21.42 8.88 -5.71
CA SER B 330 22.15 8.87 -4.46
C SER B 330 21.25 9.00 -3.29
N ILE B 331 21.58 8.30 -2.21
CA ILE B 331 20.78 8.37 -0.99
C ILE B 331 21.56 8.71 0.17
N ILE B 332 21.17 9.76 0.87
CA ILE B 332 21.89 10.15 2.07
C ILE B 332 21.07 9.77 3.31
N ALA B 333 21.49 8.70 4.00
CA ALA B 333 20.79 8.25 5.21
C ALA B 333 21.25 9.02 6.38
N THR B 334 20.33 9.66 7.09
CA THR B 334 20.72 10.42 8.26
C THR B 334 20.33 9.67 9.56
N ILE B 335 21.21 9.75 10.55
CA ILE B 335 21.01 9.08 11.83
C ILE B 335 21.37 9.91 13.07
N SER B 336 20.94 9.40 14.22
CA SER B 336 21.16 10.03 15.52
C SER B 336 22.18 9.30 16.36
N PRO B 337 23.06 10.05 17.06
CA PRO B 337 24.08 9.44 17.90
C PRO B 337 23.55 9.13 19.34
N ALA B 338 22.27 9.41 19.57
CA ALA B 338 21.64 9.19 20.87
C ALA B 338 21.25 7.74 21.14
N SER B 339 21.58 7.25 22.32
CA SER B 339 21.25 5.87 22.71
C SER B 339 19.75 5.65 22.68
N LEU B 340 18.97 6.69 22.95
CA LEU B 340 17.52 6.60 22.96
C LEU B 340 16.86 6.54 21.56
N ASN B 341 17.67 6.70 20.53
CA ASN B 341 17.18 6.64 19.14
C ASN B 341 17.71 5.37 18.48
N LEU B 342 18.14 4.44 19.33
CA LEU B 342 18.68 3.17 18.91
C LEU B 342 17.81 2.40 17.91
N GLU B 343 16.56 2.14 18.25
CA GLU B 343 15.70 1.39 17.34
C GLU B 343 15.49 1.97 15.95
N GLU B 344 15.25 3.27 15.88
CA GLU B 344 15.04 3.89 14.58
C GLU B 344 16.39 4.04 13.79
N THR B 345 17.49 4.28 14.52
CA THR B 345 18.82 4.40 13.91
C THR B 345 19.14 3.08 13.21
N LEU B 346 18.76 1.98 13.85
CA LEU B 346 18.97 0.64 13.29
C LEU B 346 18.09 0.41 12.07
N SER B 347 16.84 0.83 12.12
CA SER B 347 15.96 0.62 10.98
C SER B 347 16.47 1.35 9.78
N THR B 348 16.94 2.56 9.99
CA THR B 348 17.47 3.39 8.92
C THR B 348 18.66 2.79 8.24
N LEU B 349 19.65 2.39 9.05
CA LEU B 349 20.86 1.79 8.52
C LEU B 349 20.52 0.56 7.70
N GLU B 350 19.66 -0.28 8.28
CA GLU B 350 19.20 -1.51 7.66
C GLU B 350 18.44 -1.22 6.32
N TYR B 351 17.65 -0.15 6.30
CA TYR B 351 16.89 0.23 5.13
C TYR B 351 17.83 0.81 4.02
N ALA B 352 18.85 1.58 4.43
CA ALA B 352 19.79 2.17 3.48
C ALA B 352 20.77 1.14 2.94
N HIS B 353 21.25 0.25 3.81
CA HIS B 353 22.19 -0.77 3.38
C HIS B 353 21.55 -1.65 2.32
N ARG B 354 20.28 -1.98 2.57
CA ARG B 354 19.50 -2.81 1.67
C ARG B 354 19.32 -2.12 0.26
N ALA B 355 19.18 -0.79 0.26
CA ALA B 355 19.01 -0.05 -0.98
C ALA B 355 20.29 -0.05 -1.87
N LYS B 356 21.42 -0.42 -1.29
CA LYS B 356 22.68 -0.47 -2.05
C LYS B 356 22.55 -1.33 -3.32
N ASN B 357 21.81 -2.43 -3.17
CA ASN B 357 21.58 -3.41 -4.24
C ASN B 357 20.72 -2.94 -5.43
N ILE B 358 20.17 -1.74 -5.41
CA ILE B 358 19.36 -1.25 -6.53
C ILE B 358 20.29 -0.85 -7.67
N LEU B 359 19.96 -1.29 -8.88
CA LEU B 359 20.79 -1.00 -10.05
C LEU B 359 20.10 -0.05 -11.02
N ASN B 360 20.80 1.03 -11.39
CA ASN B 360 20.23 2.01 -12.30
C ASN B 360 20.91 1.95 -13.66
N LYS B 361 20.27 2.57 -14.63
CA LYS B 361 20.73 2.66 -16.03
C LYS B 361 21.05 1.31 -16.65
#